data_1BKV
# 
_entry.id   1BKV 
# 
_audit_conform.dict_name       mmcif_pdbx.dic 
_audit_conform.dict_version    5.389 
_audit_conform.dict_location   http://mmcif.pdb.org/dictionaries/ascii/mmcif_pdbx.dic 
# 
loop_
_database_2.database_id 
_database_2.database_code 
_database_2.pdbx_database_accession 
_database_2.pdbx_DOI 
PDB   1BKV         pdb_00001bkv 10.2210/pdb1bkv/pdb 
WWPDB D_1000171873 ?            ?                   
# 
loop_
_pdbx_audit_revision_history.ordinal 
_pdbx_audit_revision_history.data_content_type 
_pdbx_audit_revision_history.major_revision 
_pdbx_audit_revision_history.minor_revision 
_pdbx_audit_revision_history.revision_date 
1 'Structure model' 1 0 1999-02-16 
2 'Structure model' 1 1 2008-03-24 
3 'Structure model' 1 2 2011-07-13 
4 'Structure model' 1 3 2024-04-03 
# 
_pdbx_audit_revision_details.ordinal             1 
_pdbx_audit_revision_details.revision_ordinal    1 
_pdbx_audit_revision_details.data_content_type   'Structure model' 
_pdbx_audit_revision_details.provider            repository 
_pdbx_audit_revision_details.type                'Initial release' 
_pdbx_audit_revision_details.description         ? 
_pdbx_audit_revision_details.details             ? 
# 
loop_
_pdbx_audit_revision_group.ordinal 
_pdbx_audit_revision_group.revision_ordinal 
_pdbx_audit_revision_group.data_content_type 
_pdbx_audit_revision_group.group 
1 2 'Structure model' 'Version format compliance' 
2 3 'Structure model' 'Version format compliance' 
3 4 'Structure model' 'Data collection'           
4 4 'Structure model' 'Database references'       
5 4 'Structure model' 'Derived calculations'      
6 4 'Structure model' 'Refinement description'    
# 
loop_
_pdbx_audit_revision_category.ordinal 
_pdbx_audit_revision_category.revision_ordinal 
_pdbx_audit_revision_category.data_content_type 
_pdbx_audit_revision_category.category 
1 4 'Structure model' chem_comp_atom                
2 4 'Structure model' chem_comp_bond                
3 4 'Structure model' database_2                    
4 4 'Structure model' pdbx_initial_refinement_model 
5 4 'Structure model' struct_conn                   
6 4 'Structure model' struct_site                   
# 
loop_
_pdbx_audit_revision_item.ordinal 
_pdbx_audit_revision_item.revision_ordinal 
_pdbx_audit_revision_item.data_content_type 
_pdbx_audit_revision_item.item 
1 4 'Structure model' '_database_2.pdbx_DOI'                
2 4 'Structure model' '_database_2.pdbx_database_accession' 
3 4 'Structure model' '_struct_conn.pdbx_leaving_atom_flag' 
4 4 'Structure model' '_struct_site.pdbx_auth_asym_id'      
5 4 'Structure model' '_struct_site.pdbx_auth_comp_id'      
6 4 'Structure model' '_struct_site.pdbx_auth_seq_id'       
# 
_pdbx_database_status.status_code                     REL 
_pdbx_database_status.entry_id                        1BKV 
_pdbx_database_status.recvd_initial_deposition_date   1998-07-13 
_pdbx_database_status.deposit_site                    ? 
_pdbx_database_status.process_site                    BNL 
_pdbx_database_status.status_code_sf                  REL 
_pdbx_database_status.status_code_mr                  ? 
_pdbx_database_status.SG_entry                        ? 
_pdbx_database_status.status_code_cs                  ? 
_pdbx_database_status.pdb_format_compatible           Y 
_pdbx_database_status.status_code_nmr_data            ? 
_pdbx_database_status.methods_development_category    ? 
# 
loop_
_audit_author.name 
_audit_author.pdbx_ordinal 
'Kramer, R.Z.' 1 
'Bella, J.'    2 
'Mayville, P.' 3 
'Brodsky, B.'  4 
'Berman, H.M.' 5 
# 
_citation.id                        primary 
_citation.title                     'Sequence dependent conformational variations of collagen triple-helical structure.' 
_citation.journal_abbrev            Nat.Struct.Biol. 
_citation.journal_volume            6 
_citation.page_first                454 
_citation.page_last                 457 
_citation.year                      1999 
_citation.journal_id_ASTM           NSBIEW 
_citation.country                   US 
_citation.journal_id_ISSN           1072-8368 
_citation.journal_id_CSD            2024 
_citation.book_publisher            ? 
_citation.pdbx_database_id_PubMed   10331873 
_citation.pdbx_database_id_DOI      10.1038/8259 
# 
loop_
_citation_author.citation_id 
_citation_author.name 
_citation_author.ordinal 
_citation_author.identifier_ORCID 
primary 'Kramer, R.Z.' 1 ? 
primary 'Bella, J.'    2 ? 
primary 'Mayville, P.' 3 ? 
primary 'Brodsky, B.'  4 ? 
primary 'Berman, H.M.' 5 ? 
# 
loop_
_entity.id 
_entity.type 
_entity.src_method 
_entity.pdbx_description 
_entity.formula_weight 
_entity.pdbx_number_of_molecules 
_entity.pdbx_ec 
_entity.pdbx_mutation 
_entity.pdbx_fragment 
_entity.details 
1 polymer     man T3-785        2686.908 3   ? ? ? 'SYNTHETIC PEPTIDE CONTAINS REGION FROM HUMAN TYPE III COLLAGEN' 
2 non-polymer syn 'ACETIC ACID' 60.052   5   ? ? ? ?                                                                
3 water       nat water         18.015   111 ? ? ? ?                                                                
# 
_entity_poly.entity_id                      1 
_entity_poly.type                           'polypeptide(L)' 
_entity_poly.nstd_linkage                   no 
_entity_poly.nstd_monomer                   yes 
_entity_poly.pdbx_seq_one_letter_code       'P(HYP)GP(HYP)GP(HYP)GITGARGLAGP(HYP)GP(HYP)GP(HYP)GP(HYP)G' 
_entity_poly.pdbx_seq_one_letter_code_can   PPGPPGPPGITGARGLAGPPGPPGPPGPPG 
_entity_poly.pdbx_strand_id                 A,B,C 
_entity_poly.pdbx_target_identifier         ? 
# 
loop_
_pdbx_entity_nonpoly.entity_id 
_pdbx_entity_nonpoly.name 
_pdbx_entity_nonpoly.comp_id 
2 'ACETIC ACID' ACY 
3 water         HOH 
# 
loop_
_entity_poly_seq.entity_id 
_entity_poly_seq.num 
_entity_poly_seq.mon_id 
_entity_poly_seq.hetero 
1 1  PRO n 
1 2  HYP n 
1 3  GLY n 
1 4  PRO n 
1 5  HYP n 
1 6  GLY n 
1 7  PRO n 
1 8  HYP n 
1 9  GLY n 
1 10 ILE n 
1 11 THR n 
1 12 GLY n 
1 13 ALA n 
1 14 ARG n 
1 15 GLY n 
1 16 LEU n 
1 17 ALA n 
1 18 GLY n 
1 19 PRO n 
1 20 HYP n 
1 21 GLY n 
1 22 PRO n 
1 23 HYP n 
1 24 GLY n 
1 25 PRO n 
1 26 HYP n 
1 27 GLY n 
1 28 PRO n 
1 29 HYP n 
1 30 GLY n 
# 
_pdbx_entity_src_syn.entity_id              1 
_pdbx_entity_src_syn.pdbx_src_id            1 
_pdbx_entity_src_syn.pdbx_alt_source_flag   sample 
_pdbx_entity_src_syn.pdbx_beg_seq_num       ? 
_pdbx_entity_src_syn.pdbx_end_seq_num       ? 
_pdbx_entity_src_syn.organism_scientific    ? 
_pdbx_entity_src_syn.organism_common_name   ? 
_pdbx_entity_src_syn.ncbi_taxonomy_id       ? 
_pdbx_entity_src_syn.details                'MODEL PEPTIDE CONTAINING BIOLOGICAL SEQUENCE WAS CHEMICALLY SYNTHESIZED' 
# 
loop_
_chem_comp.id 
_chem_comp.type 
_chem_comp.mon_nstd_flag 
_chem_comp.name 
_chem_comp.pdbx_synonyms 
_chem_comp.formula 
_chem_comp.formula_weight 
ACY non-polymer         . 'ACETIC ACID'    ?              'C2 H4 O2'       60.052  
ALA 'L-peptide linking' y ALANINE          ?              'C3 H7 N O2'     89.093  
ARG 'L-peptide linking' y ARGININE         ?              'C6 H15 N4 O2 1' 175.209 
GLY 'peptide linking'   y GLYCINE          ?              'C2 H5 N O2'     75.067  
HOH non-polymer         . WATER            ?              'H2 O'           18.015  
HYP 'L-peptide linking' n 4-HYDROXYPROLINE HYDROXYPROLINE 'C5 H9 N O3'     131.130 
ILE 'L-peptide linking' y ISOLEUCINE       ?              'C6 H13 N O2'    131.173 
LEU 'L-peptide linking' y LEUCINE          ?              'C6 H13 N O2'    131.173 
PRO 'L-peptide linking' y PROLINE          ?              'C5 H9 N O2'     115.130 
THR 'L-peptide linking' y THREONINE        ?              'C4 H9 N O3'     119.119 
# 
loop_
_pdbx_poly_seq_scheme.asym_id 
_pdbx_poly_seq_scheme.entity_id 
_pdbx_poly_seq_scheme.seq_id 
_pdbx_poly_seq_scheme.mon_id 
_pdbx_poly_seq_scheme.ndb_seq_num 
_pdbx_poly_seq_scheme.pdb_seq_num 
_pdbx_poly_seq_scheme.auth_seq_num 
_pdbx_poly_seq_scheme.pdb_mon_id 
_pdbx_poly_seq_scheme.auth_mon_id 
_pdbx_poly_seq_scheme.pdb_strand_id 
_pdbx_poly_seq_scheme.pdb_ins_code 
_pdbx_poly_seq_scheme.hetero 
A 1 1  PRO 1  1  ?  ?   ?   A . n 
A 1 2  HYP 2  2  2  HYP HYP A . n 
A 1 3  GLY 3  3  3  GLY GLY A . n 
A 1 4  PRO 4  4  4  PRO PRO A . n 
A 1 5  HYP 5  5  5  HYP HYP A . n 
A 1 6  GLY 6  6  6  GLY GLY A . n 
A 1 7  PRO 7  7  7  PRO PRO A . n 
A 1 8  HYP 8  8  8  HYP HYP A . n 
A 1 9  GLY 9  9  9  GLY GLY A . n 
A 1 10 ILE 10 10 10 ILE ILE A . n 
A 1 11 THR 11 11 11 THR THR A . n 
A 1 12 GLY 12 12 12 GLY GLY A . n 
A 1 13 ALA 13 13 13 ALA ALA A . n 
A 1 14 ARG 14 14 14 ARG ARG A . n 
A 1 15 GLY 15 15 15 GLY GLY A . n 
A 1 16 LEU 16 16 16 LEU LEU A . n 
A 1 17 ALA 17 17 17 ALA ALA A . n 
A 1 18 GLY 18 18 18 GLY GLY A . n 
A 1 19 PRO 19 19 19 PRO PRO A . n 
A 1 20 HYP 20 20 20 HYP HYP A . n 
A 1 21 GLY 21 21 21 GLY GLY A . n 
A 1 22 PRO 22 22 22 PRO PRO A . n 
A 1 23 HYP 23 23 23 HYP HYP A . n 
A 1 24 GLY 24 24 24 GLY GLY A . n 
A 1 25 PRO 25 25 25 PRO PRO A . n 
A 1 26 HYP 26 26 26 HYP HYP A . n 
A 1 27 GLY 27 27 27 GLY GLY A . n 
A 1 28 PRO 28 28 28 PRO PRO A . n 
A 1 29 HYP 29 29 29 HYP HYP A . n 
A 1 30 GLY 30 30 30 GLY GLY A . n 
B 1 1  PRO 1  31 31 PRO PRO B . n 
B 1 2  HYP 2  32 32 HYP HYP B . n 
B 1 3  GLY 3  33 33 GLY GLY B . n 
B 1 4  PRO 4  34 34 PRO PRO B . n 
B 1 5  HYP 5  35 35 HYP HYP B . n 
B 1 6  GLY 6  36 36 GLY GLY B . n 
B 1 7  PRO 7  37 37 PRO PRO B . n 
B 1 8  HYP 8  38 38 HYP HYP B . n 
B 1 9  GLY 9  39 39 GLY GLY B . n 
B 1 10 ILE 10 40 40 ILE ILE B . n 
B 1 11 THR 11 41 41 THR THR B . n 
B 1 12 GLY 12 42 42 GLY GLY B . n 
B 1 13 ALA 13 43 43 ALA ALA B . n 
B 1 14 ARG 14 44 44 ARG ARG B . n 
B 1 15 GLY 15 45 45 GLY GLY B . n 
B 1 16 LEU 16 46 46 LEU LEU B . n 
B 1 17 ALA 17 47 47 ALA ALA B . n 
B 1 18 GLY 18 48 48 GLY GLY B . n 
B 1 19 PRO 19 49 49 PRO PRO B . n 
B 1 20 HYP 20 50 50 HYP HYP B . n 
B 1 21 GLY 21 51 51 GLY GLY B . n 
B 1 22 PRO 22 52 52 PRO PRO B . n 
B 1 23 HYP 23 53 53 HYP HYP B . n 
B 1 24 GLY 24 54 54 GLY GLY B . n 
B 1 25 PRO 25 55 55 PRO PRO B . n 
B 1 26 HYP 26 56 56 HYP HYP B . n 
B 1 27 GLY 27 57 57 GLY GLY B . n 
B 1 28 PRO 28 58 58 PRO PRO B . n 
B 1 29 HYP 29 59 59 HYP HYP B . n 
B 1 30 GLY 30 60 60 GLY GLY B . n 
C 1 1  PRO 1  61 61 PRO PRO C . n 
C 1 2  HYP 2  62 62 HYP HYP C . n 
C 1 3  GLY 3  63 63 GLY GLY C . n 
C 1 4  PRO 4  64 64 PRO PRO C . n 
C 1 5  HYP 5  65 65 HYP HYP C . n 
C 1 6  GLY 6  66 66 GLY GLY C . n 
C 1 7  PRO 7  67 67 PRO PRO C . n 
C 1 8  HYP 8  68 68 HYP HYP C . n 
C 1 9  GLY 9  69 69 GLY GLY C . n 
C 1 10 ILE 10 70 70 ILE ILE C . n 
C 1 11 THR 11 71 71 THR THR C . n 
C 1 12 GLY 12 72 72 GLY GLY C . n 
C 1 13 ALA 13 73 73 ALA ALA C . n 
C 1 14 ARG 14 74 74 ARG ARG C . n 
C 1 15 GLY 15 75 75 GLY GLY C . n 
C 1 16 LEU 16 76 76 LEU LEU C . n 
C 1 17 ALA 17 77 77 ALA ALA C . n 
C 1 18 GLY 18 78 78 GLY GLY C . n 
C 1 19 PRO 19 79 79 PRO PRO C . n 
C 1 20 HYP 20 80 80 HYP HYP C . n 
C 1 21 GLY 21 81 81 GLY GLY C . n 
C 1 22 PRO 22 82 82 PRO PRO C . n 
C 1 23 HYP 23 83 83 HYP HYP C . n 
C 1 24 GLY 24 84 84 GLY GLY C . n 
C 1 25 PRO 25 85 85 PRO PRO C . n 
C 1 26 HYP 26 86 86 HYP HYP C . n 
C 1 27 GLY 27 87 87 GLY GLY C . n 
C 1 28 PRO 28 88 88 PRO PRO C . n 
C 1 29 HYP 29 89 89 HYP HYP C . n 
C 1 30 GLY 30 90 90 GLY GLY C . n 
# 
loop_
_pdbx_nonpoly_scheme.asym_id 
_pdbx_nonpoly_scheme.entity_id 
_pdbx_nonpoly_scheme.mon_id 
_pdbx_nonpoly_scheme.ndb_seq_num 
_pdbx_nonpoly_scheme.pdb_seq_num 
_pdbx_nonpoly_scheme.auth_seq_num 
_pdbx_nonpoly_scheme.pdb_mon_id 
_pdbx_nonpoly_scheme.auth_mon_id 
_pdbx_nonpoly_scheme.pdb_strand_id 
_pdbx_nonpoly_scheme.pdb_ins_code 
D 2 ACY 1  401 401 ACY ACY B . 
E 2 ACY 1  403 403 ACY ACY B . 
F 2 ACY 1  404 404 ACY ACY B . 
G 2 ACY 1  405 405 ACY ACY B . 
H 2 ACY 1  402 402 ACY ACY C . 
I 3 HOH 1  113 113 HOH HOH A . 
I 3 HOH 2  114 114 HOH HOH A . 
I 3 HOH 3  123 123 HOH HOH A . 
I 3 HOH 4  126 126 HOH HOH A . 
I 3 HOH 5  129 129 HOH HOH A . 
I 3 HOH 6  134 134 HOH HOH A . 
I 3 HOH 7  136 136 HOH HOH A . 
I 3 HOH 8  140 140 HOH HOH A . 
I 3 HOH 9  142 142 HOH HOH A . 
I 3 HOH 10 143 143 HOH HOH A . 
I 3 HOH 11 144 144 HOH HOH A . 
I 3 HOH 12 147 147 HOH HOH A . 
I 3 HOH 13 150 150 HOH HOH A . 
I 3 HOH 14 157 157 HOH HOH A . 
I 3 HOH 15 160 160 HOH HOH A . 
I 3 HOH 16 162 162 HOH HOH A . 
I 3 HOH 17 163 163 HOH HOH A . 
I 3 HOH 18 164 164 HOH HOH A . 
I 3 HOH 19 168 168 HOH HOH A . 
I 3 HOH 20 171 171 HOH HOH A . 
I 3 HOH 21 175 175 HOH HOH A . 
I 3 HOH 22 177 177 HOH HOH A . 
I 3 HOH 23 179 179 HOH HOH A . 
I 3 HOH 24 182 182 HOH HOH A . 
I 3 HOH 25 185 185 HOH HOH A . 
I 3 HOH 26 186 186 HOH HOH A . 
I 3 HOH 27 189 189 HOH HOH A . 
I 3 HOH 28 191 191 HOH HOH A . 
I 3 HOH 29 196 196 HOH HOH A . 
I 3 HOH 30 206 206 HOH HOH A . 
I 3 HOH 31 211 211 HOH HOH A . 
J 3 HOH 1  101 101 HOH HOH B . 
J 3 HOH 2  104 104 HOH HOH B . 
J 3 HOH 3  105 105 HOH HOH B . 
J 3 HOH 4  106 106 HOH HOH B . 
J 3 HOH 5  108 108 HOH HOH B . 
J 3 HOH 6  111 111 HOH HOH B . 
J 3 HOH 7  112 112 HOH HOH B . 
J 3 HOH 8  116 116 HOH HOH B . 
J 3 HOH 9  118 118 HOH HOH B . 
J 3 HOH 10 119 119 HOH HOH B . 
J 3 HOH 11 122 122 HOH HOH B . 
J 3 HOH 12 124 124 HOH HOH B . 
J 3 HOH 13 125 125 HOH HOH B . 
J 3 HOH 14 127 127 HOH HOH B . 
J 3 HOH 15 130 130 HOH HOH B . 
J 3 HOH 16 131 131 HOH HOH B . 
J 3 HOH 17 135 135 HOH HOH B . 
J 3 HOH 18 137 137 HOH HOH B . 
J 3 HOH 19 138 138 HOH HOH B . 
J 3 HOH 20 139 139 HOH HOH B . 
J 3 HOH 21 146 146 HOH HOH B . 
J 3 HOH 22 152 152 HOH HOH B . 
J 3 HOH 23 155 155 HOH HOH B . 
J 3 HOH 24 158 158 HOH HOH B . 
J 3 HOH 25 159 159 HOH HOH B . 
J 3 HOH 26 169 169 HOH HOH B . 
J 3 HOH 27 170 170 HOH HOH B . 
J 3 HOH 28 173 173 HOH HOH B . 
J 3 HOH 29 181 181 HOH HOH B . 
J 3 HOH 30 183 183 HOH HOH B . 
J 3 HOH 31 187 187 HOH HOH B . 
J 3 HOH 32 188 188 HOH HOH B . 
J 3 HOH 33 190 190 HOH HOH B . 
J 3 HOH 34 197 197 HOH HOH B . 
J 3 HOH 35 198 198 HOH HOH B . 
J 3 HOH 36 199 199 HOH HOH B . 
J 3 HOH 37 200 200 HOH HOH B . 
J 3 HOH 38 203 203 HOH HOH B . 
J 3 HOH 39 204 204 HOH HOH B . 
J 3 HOH 40 207 207 HOH HOH B . 
J 3 HOH 41 209 209 HOH HOH B . 
K 3 HOH 1  102 102 HOH HOH C . 
K 3 HOH 2  103 103 HOH HOH C . 
K 3 HOH 3  107 107 HOH HOH C . 
K 3 HOH 4  109 109 HOH HOH C . 
K 3 HOH 5  110 110 HOH HOH C . 
K 3 HOH 6  115 115 HOH HOH C . 
K 3 HOH 7  117 117 HOH HOH C . 
K 3 HOH 8  120 120 HOH HOH C . 
K 3 HOH 9  121 121 HOH HOH C . 
K 3 HOH 10 128 128 HOH HOH C . 
K 3 HOH 11 132 132 HOH HOH C . 
K 3 HOH 12 133 133 HOH HOH C . 
K 3 HOH 13 141 141 HOH HOH C . 
K 3 HOH 14 145 145 HOH HOH C . 
K 3 HOH 15 148 148 HOH HOH C . 
K 3 HOH 16 149 149 HOH HOH C . 
K 3 HOH 17 151 151 HOH HOH C . 
K 3 HOH 18 153 153 HOH HOH C . 
K 3 HOH 19 154 154 HOH HOH C . 
K 3 HOH 20 156 156 HOH HOH C . 
K 3 HOH 21 161 161 HOH HOH C . 
K 3 HOH 22 165 165 HOH HOH C . 
K 3 HOH 23 166 166 HOH HOH C . 
K 3 HOH 24 167 167 HOH HOH C . 
K 3 HOH 25 172 172 HOH HOH C . 
K 3 HOH 26 174 174 HOH HOH C . 
K 3 HOH 27 176 176 HOH HOH C . 
K 3 HOH 28 178 178 HOH HOH C . 
K 3 HOH 29 180 180 HOH HOH C . 
K 3 HOH 30 184 184 HOH HOH C . 
K 3 HOH 31 192 192 HOH HOH C . 
K 3 HOH 32 193 193 HOH HOH C . 
K 3 HOH 33 194 194 HOH HOH C . 
K 3 HOH 34 195 195 HOH HOH C . 
K 3 HOH 35 201 201 HOH HOH C . 
K 3 HOH 36 202 202 HOH HOH C . 
K 3 HOH 37 205 205 HOH HOH C . 
K 3 HOH 38 208 208 HOH HOH C . 
K 3 HOH 39 210 210 HOH HOH C . 
# 
loop_
_pdbx_unobs_or_zero_occ_atoms.id 
_pdbx_unobs_or_zero_occ_atoms.PDB_model_num 
_pdbx_unobs_or_zero_occ_atoms.polymer_flag 
_pdbx_unobs_or_zero_occ_atoms.occupancy_flag 
_pdbx_unobs_or_zero_occ_atoms.auth_asym_id 
_pdbx_unobs_or_zero_occ_atoms.auth_comp_id 
_pdbx_unobs_or_zero_occ_atoms.auth_seq_id 
_pdbx_unobs_or_zero_occ_atoms.PDB_ins_code 
_pdbx_unobs_or_zero_occ_atoms.auth_atom_id 
_pdbx_unobs_or_zero_occ_atoms.label_alt_id 
_pdbx_unobs_or_zero_occ_atoms.label_asym_id 
_pdbx_unobs_or_zero_occ_atoms.label_comp_id 
_pdbx_unobs_or_zero_occ_atoms.label_seq_id 
_pdbx_unobs_or_zero_occ_atoms.label_atom_id 
1 1 N 1 B ACY 401 ? O ? D ACY 1 O 
2 1 N 1 B ACY 405 ? O ? G ACY 1 O 
# 
loop_
_software.name 
_software.classification 
_software.version 
_software.citation_id 
_software.pdbx_ordinal 
CNS       refinement       0.3 ? 1 
DENZO     'data reduction' .   ? 2 
SCALEPACK 'data scaling'   .   ? 3 
CNS       phasing          0.3 ? 4 
# 
_cell.entry_id           1BKV 
_cell.length_a           117.090 
_cell.length_b           15.629 
_cell.length_c           39.715 
_cell.angle_alpha        90.00 
_cell.angle_beta         104.46 
_cell.angle_gamma        90.00 
_cell.Z_PDB              12 
_cell.pdbx_unique_axis   ? 
_cell.length_a_esd       ? 
_cell.length_b_esd       ? 
_cell.length_c_esd       ? 
_cell.angle_alpha_esd    ? 
_cell.angle_beta_esd     ? 
_cell.angle_gamma_esd    ? 
# 
_symmetry.entry_id                         1BKV 
_symmetry.space_group_name_H-M             'C 1 2 1' 
_symmetry.pdbx_full_space_group_name_H-M   ? 
_symmetry.cell_setting                     ? 
_symmetry.Int_Tables_number                5 
_symmetry.space_group_name_Hall            ? 
# 
_exptl.entry_id          1BKV 
_exptl.method            'X-RAY DIFFRACTION' 
_exptl.crystals_number   1 
# 
_exptl_crystal.id                    1 
_exptl_crystal.density_meas          ? 
_exptl_crystal.density_Matthews      2.10 
_exptl_crystal.density_percent_sol   43.50 
_exptl_crystal.description           ? 
_exptl_crystal.F_000                 ? 
_exptl_crystal.preparation           ? 
# 
_exptl_crystal_grow.crystal_id      1 
_exptl_crystal_grow.method          ? 
_exptl_crystal_grow.temp            ? 
_exptl_crystal_grow.temp_details    ? 
_exptl_crystal_grow.pH              8.50 
_exptl_crystal_grow.pdbx_pH_range   ? 
_exptl_crystal_grow.pdbx_details    'pH 8.50' 
# 
_diffrn.id                     1 
_diffrn.ambient_temp           108.0 
_diffrn.ambient_temp_details   ? 
_diffrn.crystal_id             1 
# 
_diffrn_detector.diffrn_id              1 
_diffrn_detector.detector               'IMAGE PLATE' 
_diffrn_detector.type                   'RIGAKU RAXIS IV' 
_diffrn_detector.pdbx_collection_date   1996-12 
_diffrn_detector.details                MIRRORS 
# 
_diffrn_radiation.diffrn_id                        1 
_diffrn_radiation.wavelength_id                    1 
_diffrn_radiation.pdbx_monochromatic_or_laue_m_l   M 
_diffrn_radiation.monochromator                    ? 
_diffrn_radiation.pdbx_diffrn_protocol             'SINGLE WAVELENGTH' 
_diffrn_radiation.pdbx_scattering_type             x-ray 
# 
_diffrn_radiation_wavelength.id           1 
_diffrn_radiation_wavelength.wavelength   1.5418 
_diffrn_radiation_wavelength.wt           1.0 
# 
_diffrn_source.diffrn_id                   1 
_diffrn_source.source                      'ROTATING ANODE' 
_diffrn_source.type                        'RIGAKU RUH2R' 
_diffrn_source.pdbx_synchrotron_site       ? 
_diffrn_source.pdbx_synchrotron_beamline   ? 
_diffrn_source.pdbx_wavelength             1.5418 
_diffrn_source.pdbx_wavelength_list        ? 
# 
_reflns.entry_id                     1BKV 
_reflns.observed_criterion_sigma_I   0.000 
_reflns.observed_criterion_sigma_F   ? 
_reflns.d_resolution_low             50.000 
_reflns.d_resolution_high            2.000 
_reflns.number_obs                   4853 
_reflns.number_all                   ? 
_reflns.percent_possible_obs         95.9 
_reflns.pdbx_Rmerge_I_obs            0.0530000 
_reflns.pdbx_Rsym_value              ? 
_reflns.pdbx_netI_over_sigmaI        ? 
_reflns.B_iso_Wilson_estimate        ? 
_reflns.pdbx_redundancy              ? 
_reflns.R_free_details               ? 
_reflns.limit_h_max                  ? 
_reflns.limit_h_min                  ? 
_reflns.limit_k_max                  ? 
_reflns.limit_k_min                  ? 
_reflns.limit_l_max                  ? 
_reflns.limit_l_min                  ? 
_reflns.observed_criterion_F_max     ? 
_reflns.observed_criterion_F_min     ? 
_reflns.pdbx_chi_squared             ? 
_reflns.pdbx_scaling_rejects         ? 
_reflns.pdbx_diffrn_id               1 
_reflns.pdbx_ordinal                 1 
# 
_reflns_shell.d_res_high             2.00 
_reflns_shell.d_res_low              2.06 
_reflns_shell.percent_possible_all   93.0 
_reflns_shell.Rmerge_I_obs           0.1330000 
_reflns_shell.pdbx_Rsym_value        ? 
_reflns_shell.meanI_over_sigI_obs    ? 
_reflns_shell.pdbx_redundancy        ? 
_reflns_shell.percent_possible_obs   ? 
_reflns_shell.number_unique_all      ? 
_reflns_shell.number_measured_all    ? 
_reflns_shell.number_measured_obs    ? 
_reflns_shell.number_unique_obs      ? 
_reflns_shell.pdbx_chi_squared       ? 
_reflns_shell.pdbx_diffrn_id         ? 
_reflns_shell.pdbx_ordinal           1 
# 
_refine.entry_id                                 1BKV 
_refine.ls_number_reflns_obs                     4643 
_refine.ls_number_reflns_all                     ? 
_refine.pdbx_ls_sigma_I                          ? 
_refine.pdbx_ls_sigma_F                          2.000 
_refine.pdbx_data_cutoff_high_absF               ? 
_refine.pdbx_data_cutoff_low_absF                ? 
_refine.pdbx_data_cutoff_high_rms_absF           ? 
_refine.ls_d_res_low                             50.00 
_refine.ls_d_res_high                            2.00 
_refine.ls_percent_reflns_obs                    92.0 
_refine.ls_R_factor_obs                          0.2280000 
_refine.ls_R_factor_all                          ? 
_refine.ls_R_factor_R_work                       0.2280000 
_refine.ls_R_factor_R_free                       0.2770000 
_refine.ls_R_factor_R_free_error                 ? 
_refine.ls_R_factor_R_free_error_details         ? 
_refine.ls_percent_reflns_R_free                 9.600 
_refine.ls_number_reflns_R_free                  486 
_refine.ls_number_parameters                     ? 
_refine.ls_number_restraints                     ? 
_refine.occupancy_min                            ? 
_refine.occupancy_max                            ? 
_refine.B_iso_mean                               36.40 
_refine.aniso_B[1][1]                            -6.57600 
_refine.aniso_B[2][2]                            9.38300 
_refine.aniso_B[3][3]                            -2.80800 
_refine.aniso_B[1][2]                            0.00000 
_refine.aniso_B[1][3]                            -15.60100 
_refine.aniso_B[2][3]                            0.00000 
_refine.solvent_model_details                    ? 
_refine.solvent_model_param_ksol                 ? 
_refine.solvent_model_param_bsol                 ? 
_refine.pdbx_ls_cross_valid_method               THROUGHOUT 
_refine.details                                  
;ADDITIONAL PARAMETERS USED FOR HYDROXYPROLINE. THREE EXTREMELY STRONG REFLECTIONS (-3 1 1, 4 0 2, AND 5 1 0) WERE UNDERESTIMATED AND HENCE WERE EXCLUDED FROM REFINEMENT.
;
_refine.pdbx_starting_model                      'IDEALIZED 7-FOLD TRIPLE HELIX' 
_refine.pdbx_method_to_determine_struct          'MOLECULAR REPLACEMENT' 
_refine.pdbx_isotropic_thermal_model             ? 
_refine.pdbx_stereochemistry_target_values       ? 
_refine.pdbx_stereochem_target_val_spec_case     ? 
_refine.pdbx_R_Free_selection_details            RANDOM 
_refine.pdbx_overall_ESU_R_Free                  ? 
_refine.overall_SU_ML                            ? 
_refine.overall_SU_B                             ? 
_refine.pdbx_refine_id                           'X-RAY DIFFRACTION' 
_refine.ls_redundancy_reflns_obs                 ? 
_refine.pdbx_overall_ESU_R                       ? 
_refine.pdbx_overall_phase_error                 ? 
_refine.B_iso_min                                ? 
_refine.B_iso_max                                ? 
_refine.correlation_coeff_Fo_to_Fc               ? 
_refine.correlation_coeff_Fo_to_Fc_free          ? 
_refine.pdbx_solvent_vdw_probe_radii             ? 
_refine.pdbx_solvent_ion_probe_radii             ? 
_refine.pdbx_solvent_shrinkage_radii             ? 
_refine.overall_SU_R_Cruickshank_DPI             ? 
_refine.overall_SU_R_free                        ? 
_refine.ls_wR_factor_R_free                      ? 
_refine.ls_wR_factor_R_work                      ? 
_refine.overall_FOM_free_R_set                   ? 
_refine.overall_FOM_work_R_set                   ? 
_refine.pdbx_diffrn_id                           1 
_refine.pdbx_TLS_residual_ADP_flag               ? 
_refine.pdbx_overall_SU_R_free_Cruickshank_DPI   ? 
_refine.pdbx_overall_SU_R_Blow_DPI               ? 
_refine.pdbx_overall_SU_R_free_Blow_DPI          ? 
# 
_refine_hist.pdbx_refine_id                   'X-RAY DIFFRACTION' 
_refine_hist.cycle_id                         LAST 
_refine_hist.pdbx_number_atoms_protein        563 
_refine_hist.pdbx_number_atoms_nucleic_acid   0 
_refine_hist.pdbx_number_atoms_ligand         18 
_refine_hist.number_atoms_solvent             111 
_refine_hist.number_atoms_total               692 
_refine_hist.d_res_high                       2.00 
_refine_hist.d_res_low                        50.00 
# 
loop_
_refine_ls_restr.type 
_refine_ls_restr.dev_ideal 
_refine_ls_restr.dev_ideal_target 
_refine_ls_restr.weight 
_refine_ls_restr.number 
_refine_ls_restr.pdbx_refine_id 
_refine_ls_restr.pdbx_restraint_function 
c_bond_d                0.007 ? ? ? 'X-RAY DIFFRACTION' ? 
c_bond_d_na             ?     ? ? ? 'X-RAY DIFFRACTION' ? 
c_bond_d_prot           ?     ? ? ? 'X-RAY DIFFRACTION' ? 
c_angle_d               ?     ? ? ? 'X-RAY DIFFRACTION' ? 
c_angle_d_na            ?     ? ? ? 'X-RAY DIFFRACTION' ? 
c_angle_d_prot          ?     ? ? ? 'X-RAY DIFFRACTION' ? 
c_angle_deg             1.10  ? ? ? 'X-RAY DIFFRACTION' ? 
c_angle_deg_na          ?     ? ? ? 'X-RAY DIFFRACTION' ? 
c_angle_deg_prot        ?     ? ? ? 'X-RAY DIFFRACTION' ? 
c_dihedral_angle_d      ?     ? ? ? 'X-RAY DIFFRACTION' ? 
c_dihedral_angle_d_na   ?     ? ? ? 'X-RAY DIFFRACTION' ? 
c_dihedral_angle_d_prot ?     ? ? ? 'X-RAY DIFFRACTION' ? 
c_improper_angle_d      1.03  ? ? ? 'X-RAY DIFFRACTION' ? 
c_improper_angle_d_na   ?     ? ? ? 'X-RAY DIFFRACTION' ? 
c_improper_angle_d_prot ?     ? ? ? 'X-RAY DIFFRACTION' ? 
c_mcbond_it             ?     ? ? ? 'X-RAY DIFFRACTION' ? 
c_mcangle_it            ?     ? ? ? 'X-RAY DIFFRACTION' ? 
c_scbond_it             ?     ? ? ? 'X-RAY DIFFRACTION' ? 
c_scangle_it            ?     ? ? ? 'X-RAY DIFFRACTION' ? 
# 
_refine_ls_shell.pdbx_total_number_of_bins_used   10 
_refine_ls_shell.d_res_high                       2.00 
_refine_ls_shell.d_res_low                        2.07 
_refine_ls_shell.number_reflns_R_work             348 
_refine_ls_shell.R_factor_R_work                  0.2650000 
_refine_ls_shell.percent_reflns_obs               90.00 
_refine_ls_shell.R_factor_R_free                  0.2810000 
_refine_ls_shell.R_factor_R_free_error            ? 
_refine_ls_shell.percent_reflns_R_free            ? 
_refine_ls_shell.number_reflns_R_free             29 
_refine_ls_shell.pdbx_refine_id                   'X-RAY DIFFRACTION' 
_refine_ls_shell.redundancy_reflns_obs            ? 
_refine_ls_shell.number_reflns_all                ? 
_refine_ls_shell.number_reflns_obs                ? 
_refine_ls_shell.R_factor_all                     ? 
# 
_pdbx_xplor_file.serial_no        1 
_pdbx_xplor_file.param_file       PROTEIN_REP.PARAM 
_pdbx_xplor_file.topol_file       TOPHCSDX.PRO 
_pdbx_xplor_file.pdbx_refine_id   'X-RAY DIFFRACTION' 
# 
_struct.entry_id                  1BKV 
_struct.title                     COLLAGEN 
_struct.pdbx_model_details        ? 
_struct.pdbx_CASP_flag            ? 
_struct.pdbx_model_type_details   ? 
# 
_struct_keywords.entry_id        1BKV 
_struct_keywords.pdbx_keywords   'STRUCTURAL PROTEIN' 
_struct_keywords.text            'COLLAGEN, HYDROXYPROLINE, HYDROGEN BONDING, TRIPLE HELIX, TYPE III COLLAGEN, STRUCTURAL PROTEIN' 
# 
loop_
_struct_asym.id 
_struct_asym.pdbx_blank_PDB_chainid_flag 
_struct_asym.pdbx_modified 
_struct_asym.entity_id 
_struct_asym.details 
A N N 1 ? 
B N N 1 ? 
C N N 1 ? 
D N N 2 ? 
E N N 2 ? 
F N N 2 ? 
G N N 2 ? 
H N N 2 ? 
I N N 3 ? 
J N N 3 ? 
K N N 3 ? 
# 
_struct_ref.id                         1 
_struct_ref.entity_id                  1 
_struct_ref.db_name                    PDB 
_struct_ref.db_code                    1BKV 
_struct_ref.pdbx_db_accession          1BKV 
_struct_ref.pdbx_align_begin           ? 
_struct_ref.pdbx_seq_one_letter_code   ? 
_struct_ref.pdbx_db_isoform            ? 
# 
loop_
_struct_ref_seq.align_id 
_struct_ref_seq.ref_id 
_struct_ref_seq.pdbx_PDB_id_code 
_struct_ref_seq.pdbx_strand_id 
_struct_ref_seq.seq_align_beg 
_struct_ref_seq.pdbx_seq_align_beg_ins_code 
_struct_ref_seq.seq_align_end 
_struct_ref_seq.pdbx_seq_align_end_ins_code 
_struct_ref_seq.pdbx_db_accession 
_struct_ref_seq.db_align_beg 
_struct_ref_seq.pdbx_db_align_beg_ins_code 
_struct_ref_seq.db_align_end 
_struct_ref_seq.pdbx_db_align_end_ins_code 
_struct_ref_seq.pdbx_auth_seq_align_beg 
_struct_ref_seq.pdbx_auth_seq_align_end 
1 1 1BKV A 1 ? 30 ? 1BKV 1  ? 30 ? 1  30 
2 1 1BKV B 1 ? 30 ? 1BKV 31 ? 60 ? 31 60 
3 1 1BKV C 1 ? 30 ? 1BKV 61 ? 90 ? 61 90 
# 
_pdbx_struct_assembly.id                   1 
_pdbx_struct_assembly.details              author_and_software_defined_assembly 
_pdbx_struct_assembly.method_details       PISA 
_pdbx_struct_assembly.oligomeric_details   trimeric 
_pdbx_struct_assembly.oligomeric_count     3 
# 
loop_
_pdbx_struct_assembly_prop.biol_id 
_pdbx_struct_assembly_prop.type 
_pdbx_struct_assembly_prop.value 
_pdbx_struct_assembly_prop.details 
1 'ABSA (A^2)' 5250 ? 
1 MORE         -27  ? 
1 'SSA (A^2)'  5260 ? 
# 
_pdbx_struct_assembly_gen.assembly_id       1 
_pdbx_struct_assembly_gen.oper_expression   1 
_pdbx_struct_assembly_gen.asym_id_list      A,B,C,D,E,F,G,H,I,J,K 
# 
_pdbx_struct_oper_list.id                   1 
_pdbx_struct_oper_list.type                 'identity operation' 
_pdbx_struct_oper_list.name                 1_555 
_pdbx_struct_oper_list.symmetry_operation   x,y,z 
_pdbx_struct_oper_list.matrix[1][1]         1.0000000000 
_pdbx_struct_oper_list.matrix[1][2]         0.0000000000 
_pdbx_struct_oper_list.matrix[1][3]         0.0000000000 
_pdbx_struct_oper_list.vector[1]            0.0000000000 
_pdbx_struct_oper_list.matrix[2][1]         0.0000000000 
_pdbx_struct_oper_list.matrix[2][2]         1.0000000000 
_pdbx_struct_oper_list.matrix[2][3]         0.0000000000 
_pdbx_struct_oper_list.vector[2]            0.0000000000 
_pdbx_struct_oper_list.matrix[3][1]         0.0000000000 
_pdbx_struct_oper_list.matrix[3][2]         0.0000000000 
_pdbx_struct_oper_list.matrix[3][3]         1.0000000000 
_pdbx_struct_oper_list.vector[3]            0.0000000000 
# 
_struct_biol.id        1 
_struct_biol.details   ? 
# 
loop_
_struct_conn.id 
_struct_conn.conn_type_id 
_struct_conn.pdbx_leaving_atom_flag 
_struct_conn.pdbx_PDB_id 
_struct_conn.ptnr1_label_asym_id 
_struct_conn.ptnr1_label_comp_id 
_struct_conn.ptnr1_label_seq_id 
_struct_conn.ptnr1_label_atom_id 
_struct_conn.pdbx_ptnr1_label_alt_id 
_struct_conn.pdbx_ptnr1_PDB_ins_code 
_struct_conn.pdbx_ptnr1_standard_comp_id 
_struct_conn.ptnr1_symmetry 
_struct_conn.ptnr2_label_asym_id 
_struct_conn.ptnr2_label_comp_id 
_struct_conn.ptnr2_label_seq_id 
_struct_conn.ptnr2_label_atom_id 
_struct_conn.pdbx_ptnr2_label_alt_id 
_struct_conn.pdbx_ptnr2_PDB_ins_code 
_struct_conn.ptnr1_auth_asym_id 
_struct_conn.ptnr1_auth_comp_id 
_struct_conn.ptnr1_auth_seq_id 
_struct_conn.ptnr2_auth_asym_id 
_struct_conn.ptnr2_auth_comp_id 
_struct_conn.ptnr2_auth_seq_id 
_struct_conn.ptnr2_symmetry 
_struct_conn.pdbx_ptnr3_label_atom_id 
_struct_conn.pdbx_ptnr3_label_seq_id 
_struct_conn.pdbx_ptnr3_label_comp_id 
_struct_conn.pdbx_ptnr3_label_asym_id 
_struct_conn.pdbx_ptnr3_label_alt_id 
_struct_conn.pdbx_ptnr3_PDB_ins_code 
_struct_conn.details 
_struct_conn.pdbx_dist_value 
_struct_conn.pdbx_value_order 
_struct_conn.pdbx_role 
covale1  covale both ? A HYP 2  C ? ? ? 1_555 A GLY 3  N ? ? A HYP 2  A GLY 3  1_555 ? ? ? ? ? ? ? 1.329 ? ? 
covale2  covale both ? A PRO 4  C ? ? ? 1_555 A HYP 5  N ? ? A PRO 4  A HYP 5  1_555 ? ? ? ? ? ? ? 1.347 ? ? 
covale3  covale both ? A HYP 5  C ? ? ? 1_555 A GLY 6  N ? ? A HYP 5  A GLY 6  1_555 ? ? ? ? ? ? ? 1.328 ? ? 
covale4  covale both ? A PRO 7  C ? ? ? 1_555 A HYP 8  N ? ? A PRO 7  A HYP 8  1_555 ? ? ? ? ? ? ? 1.340 ? ? 
covale5  covale both ? A HYP 8  C ? ? ? 1_555 A GLY 9  N ? ? A HYP 8  A GLY 9  1_555 ? ? ? ? ? ? ? 1.328 ? ? 
covale6  covale both ? A PRO 19 C ? ? ? 1_555 A HYP 20 N ? ? A PRO 19 A HYP 20 1_555 ? ? ? ? ? ? ? 1.346 ? ? 
covale7  covale both ? A HYP 20 C ? ? ? 1_555 A GLY 21 N ? ? A HYP 20 A GLY 21 1_555 ? ? ? ? ? ? ? 1.327 ? ? 
covale8  covale both ? A PRO 22 C ? ? ? 1_555 A HYP 23 N ? ? A PRO 22 A HYP 23 1_555 ? ? ? ? ? ? ? 1.343 ? ? 
covale9  covale both ? A HYP 23 C ? ? ? 1_555 A GLY 24 N ? ? A HYP 23 A GLY 24 1_555 ? ? ? ? ? ? ? 1.330 ? ? 
covale10 covale both ? A PRO 25 C ? ? ? 1_555 A HYP 26 N ? ? A PRO 25 A HYP 26 1_555 ? ? ? ? ? ? ? 1.341 ? ? 
covale11 covale both ? A HYP 26 C ? ? ? 1_555 A GLY 27 N ? ? A HYP 26 A GLY 27 1_555 ? ? ? ? ? ? ? 1.329 ? ? 
covale12 covale both ? A PRO 28 C ? ? ? 1_555 A HYP 29 N ? ? A PRO 28 A HYP 29 1_555 ? ? ? ? ? ? ? 1.345 ? ? 
covale13 covale both ? A HYP 29 C ? ? ? 1_555 A GLY 30 N ? ? A HYP 29 A GLY 30 1_555 ? ? ? ? ? ? ? 1.329 ? ? 
covale14 covale both ? B PRO 1  C ? ? ? 1_555 B HYP 2  N ? ? B PRO 31 B HYP 32 1_555 ? ? ? ? ? ? ? 1.344 ? ? 
covale15 covale both ? B HYP 2  C ? ? ? 1_555 B GLY 3  N ? ? B HYP 32 B GLY 33 1_555 ? ? ? ? ? ? ? 1.330 ? ? 
covale16 covale both ? B PRO 4  C ? ? ? 1_555 B HYP 5  N ? ? B PRO 34 B HYP 35 1_555 ? ? ? ? ? ? ? 1.347 ? ? 
covale17 covale both ? B HYP 5  C ? ? ? 1_555 B GLY 6  N ? ? B HYP 35 B GLY 36 1_555 ? ? ? ? ? ? ? 1.328 ? ? 
covale18 covale both ? B PRO 7  C ? ? ? 1_555 B HYP 8  N ? ? B PRO 37 B HYP 38 1_555 ? ? ? ? ? ? ? 1.341 ? ? 
covale19 covale both ? B HYP 8  C ? ? ? 1_555 B GLY 9  N ? ? B HYP 38 B GLY 39 1_555 ? ? ? ? ? ? ? 1.326 ? ? 
covale20 covale both ? B PRO 19 C ? ? ? 1_555 B HYP 20 N ? ? B PRO 49 B HYP 50 1_555 ? ? ? ? ? ? ? 1.344 ? ? 
covale21 covale both ? B HYP 20 C ? ? ? 1_555 B GLY 21 N ? ? B HYP 50 B GLY 51 1_555 ? ? ? ? ? ? ? 1.327 ? ? 
covale22 covale both ? B PRO 22 C ? ? ? 1_555 B HYP 23 N ? ? B PRO 52 B HYP 53 1_555 ? ? ? ? ? ? ? 1.339 ? ? 
covale23 covale both ? B HYP 23 C ? ? ? 1_555 B GLY 24 N ? ? B HYP 53 B GLY 54 1_555 ? ? ? ? ? ? ? 1.327 ? ? 
covale24 covale both ? B PRO 25 C ? ? ? 1_555 B HYP 26 N ? ? B PRO 55 B HYP 56 1_555 ? ? ? ? ? ? ? 1.340 ? ? 
covale25 covale both ? B HYP 26 C ? ? ? 1_555 B GLY 27 N ? ? B HYP 56 B GLY 57 1_555 ? ? ? ? ? ? ? 1.328 ? ? 
covale26 covale both ? B PRO 28 C ? ? ? 1_555 B HYP 29 N ? ? B PRO 58 B HYP 59 1_555 ? ? ? ? ? ? ? 1.342 ? ? 
covale27 covale both ? B HYP 29 C ? ? ? 1_555 B GLY 30 N ? ? B HYP 59 B GLY 60 1_555 ? ? ? ? ? ? ? 1.329 ? ? 
covale28 covale both ? C PRO 1  C ? ? ? 1_555 C HYP 2  N ? ? C PRO 61 C HYP 62 1_555 ? ? ? ? ? ? ? 1.343 ? ? 
covale29 covale both ? C HYP 2  C ? ? ? 1_555 C GLY 3  N ? ? C HYP 62 C GLY 63 1_555 ? ? ? ? ? ? ? 1.330 ? ? 
covale30 covale both ? C PRO 4  C ? ? ? 1_555 C HYP 5  N ? ? C PRO 64 C HYP 65 1_555 ? ? ? ? ? ? ? 1.342 ? ? 
covale31 covale both ? C HYP 5  C ? ? ? 1_555 C GLY 6  N ? ? C HYP 65 C GLY 66 1_555 ? ? ? ? ? ? ? 1.328 ? ? 
covale32 covale both ? C PRO 7  C ? ? ? 1_555 C HYP 8  N ? ? C PRO 67 C HYP 68 1_555 ? ? ? ? ? ? ? 1.342 ? ? 
covale33 covale both ? C HYP 8  C ? ? ? 1_555 C GLY 9  N ? ? C HYP 68 C GLY 69 1_555 ? ? ? ? ? ? ? 1.328 ? ? 
covale34 covale both ? C PRO 19 C ? ? ? 1_555 C HYP 20 N ? ? C PRO 79 C HYP 80 1_555 ? ? ? ? ? ? ? 1.340 ? ? 
covale35 covale both ? C HYP 20 C ? ? ? 1_555 C GLY 21 N ? ? C HYP 80 C GLY 81 1_555 ? ? ? ? ? ? ? 1.327 ? ? 
covale36 covale both ? C PRO 22 C ? ? ? 1_555 C HYP 23 N ? ? C PRO 82 C HYP 83 1_555 ? ? ? ? ? ? ? 1.340 ? ? 
covale37 covale both ? C HYP 23 C ? ? ? 1_555 C GLY 24 N ? ? C HYP 83 C GLY 84 1_555 ? ? ? ? ? ? ? 1.330 ? ? 
covale38 covale both ? C PRO 25 C ? ? ? 1_555 C HYP 26 N ? ? C PRO 85 C HYP 86 1_555 ? ? ? ? ? ? ? 1.341 ? ? 
covale39 covale both ? C HYP 26 C ? ? ? 1_555 C GLY 27 N ? ? C HYP 86 C GLY 87 1_555 ? ? ? ? ? ? ? 1.329 ? ? 
covale40 covale both ? C PRO 28 C ? ? ? 1_555 C HYP 29 N ? ? C PRO 88 C HYP 89 1_555 ? ? ? ? ? ? ? 1.349 ? ? 
covale41 covale both ? C HYP 29 C ? ? ? 1_555 C GLY 30 N ? ? C HYP 89 C GLY 90 1_555 ? ? ? ? ? ? ? 1.331 ? ? 
# 
_struct_conn_type.id          covale 
_struct_conn_type.criteria    ? 
_struct_conn_type.reference   ? 
# 
_struct_mon_prot_cis.pdbx_id                1 
_struct_mon_prot_cis.label_comp_id          PRO 
_struct_mon_prot_cis.label_seq_id           28 
_struct_mon_prot_cis.label_asym_id          B 
_struct_mon_prot_cis.label_alt_id           . 
_struct_mon_prot_cis.pdbx_PDB_ins_code      ? 
_struct_mon_prot_cis.auth_comp_id           PRO 
_struct_mon_prot_cis.auth_seq_id            58 
_struct_mon_prot_cis.auth_asym_id           B 
_struct_mon_prot_cis.pdbx_label_comp_id_2   HYP 
_struct_mon_prot_cis.pdbx_label_seq_id_2    29 
_struct_mon_prot_cis.pdbx_label_asym_id_2   B 
_struct_mon_prot_cis.pdbx_PDB_ins_code_2    ? 
_struct_mon_prot_cis.pdbx_auth_comp_id_2    HYP 
_struct_mon_prot_cis.pdbx_auth_seq_id_2     59 
_struct_mon_prot_cis.pdbx_auth_asym_id_2    B 
_struct_mon_prot_cis.pdbx_PDB_model_num     1 
_struct_mon_prot_cis.pdbx_omega_angle       0.04 
# 
loop_
_struct_site.id 
_struct_site.pdbx_evidence_code 
_struct_site.pdbx_auth_asym_id 
_struct_site.pdbx_auth_comp_id 
_struct_site.pdbx_auth_seq_id 
_struct_site.pdbx_auth_ins_code 
_struct_site.pdbx_num_residues 
_struct_site.details 
AC1 Software B ACY 401 ? 5 'BINDING SITE FOR RESIDUE ACY B 401' 
AC2 Software C ACY 402 ? 5 'BINDING SITE FOR RESIDUE ACY C 402' 
AC3 Software B ACY 403 ? 4 'BINDING SITE FOR RESIDUE ACY B 403' 
AC4 Software B ACY 404 ? 6 'BINDING SITE FOR RESIDUE ACY B 404' 
AC5 Software B ACY 405 ? 6 'BINDING SITE FOR RESIDUE ACY B 405' 
# 
loop_
_struct_site_gen.id 
_struct_site_gen.site_id 
_struct_site_gen.pdbx_num_res 
_struct_site_gen.label_comp_id 
_struct_site_gen.label_asym_id 
_struct_site_gen.label_seq_id 
_struct_site_gen.pdbx_auth_ins_code 
_struct_site_gen.auth_comp_id 
_struct_site_gen.auth_asym_id 
_struct_site_gen.auth_seq_id 
_struct_site_gen.label_atom_id 
_struct_site_gen.label_alt_id 
_struct_site_gen.symmetry 
_struct_site_gen.details 
1  AC1 5 ARG B 14 ? ARG B 44  . ? 1_555 ? 
2  AC1 5 HOH J .  ? HOH B 112 . ? 2_656 ? 
3  AC1 5 HOH J .  ? HOH B 125 . ? 2_656 ? 
4  AC1 5 ACY G .  ? ACY B 405 . ? 2_656 ? 
5  AC1 5 ACY G .  ? ACY B 405 . ? 1_555 ? 
6  AC2 5 ARG A 14 ? ARG A 14  . ? 1_565 ? 
7  AC2 5 ILE C 10 ? ILE C 70  . ? 1_555 ? 
8  AC2 5 THR C 11 ? THR C 71  . ? 1_555 ? 
9  AC2 5 HOH K .  ? HOH C 145 . ? 1_555 ? 
10 AC2 5 HOH K .  ? HOH C 195 . ? 1_555 ? 
11 AC3 4 HOH J .  ? HOH B 111 . ? 1_555 ? 
12 AC3 4 ACY F .  ? ACY B 404 . ? 2_655 ? 
13 AC3 4 HOH K .  ? HOH C 117 . ? 1_545 ? 
14 AC3 4 HOH K .  ? HOH C 210 . ? 1_545 ? 
15 AC4 6 LEU A 16 ? LEU A 16  . ? 2_645 ? 
16 AC4 6 GLY B 21 ? GLY B 51  . ? 1_555 ? 
17 AC4 6 PRO B 22 ? PRO B 52  . ? 1_555 ? 
18 AC4 6 HYP B 23 ? HYP B 53  . ? 1_555 ? 
19 AC4 6 HOH J .  ? HOH B 119 . ? 1_555 ? 
20 AC4 6 ACY E .  ? ACY B 403 . ? 2_655 ? 
21 AC5 6 ALA B 13 ? ALA B 43  . ? 1_555 ? 
22 AC5 6 ARG B 14 ? ARG B 44  . ? 1_555 ? 
23 AC5 6 HOH J .  ? HOH B 125 . ? 2_656 ? 
24 AC5 6 HOH J .  ? HOH B 131 . ? 2_656 ? 
25 AC5 6 ACY D .  ? ACY B 401 . ? 2_656 ? 
26 AC5 6 ACY D .  ? ACY B 401 . ? 1_555 ? 
# 
loop_
_pdbx_struct_mod_residue.id 
_pdbx_struct_mod_residue.label_asym_id 
_pdbx_struct_mod_residue.label_comp_id 
_pdbx_struct_mod_residue.label_seq_id 
_pdbx_struct_mod_residue.auth_asym_id 
_pdbx_struct_mod_residue.auth_comp_id 
_pdbx_struct_mod_residue.auth_seq_id 
_pdbx_struct_mod_residue.PDB_ins_code 
_pdbx_struct_mod_residue.parent_comp_id 
_pdbx_struct_mod_residue.details 
1  A HYP 2  A HYP 2  ? PRO 4-HYDROXYPROLINE 
2  A HYP 5  A HYP 5  ? PRO 4-HYDROXYPROLINE 
3  A HYP 8  A HYP 8  ? PRO 4-HYDROXYPROLINE 
4  A HYP 20 A HYP 20 ? PRO 4-HYDROXYPROLINE 
5  A HYP 23 A HYP 23 ? PRO 4-HYDROXYPROLINE 
6  A HYP 26 A HYP 26 ? PRO 4-HYDROXYPROLINE 
7  A HYP 29 A HYP 29 ? PRO 4-HYDROXYPROLINE 
8  B HYP 2  B HYP 32 ? PRO 4-HYDROXYPROLINE 
9  B HYP 5  B HYP 35 ? PRO 4-HYDROXYPROLINE 
10 B HYP 8  B HYP 38 ? PRO 4-HYDROXYPROLINE 
11 B HYP 20 B HYP 50 ? PRO 4-HYDROXYPROLINE 
12 B HYP 23 B HYP 53 ? PRO 4-HYDROXYPROLINE 
13 B HYP 26 B HYP 56 ? PRO 4-HYDROXYPROLINE 
14 B HYP 29 B HYP 59 ? PRO 4-HYDROXYPROLINE 
15 C HYP 2  C HYP 62 ? PRO 4-HYDROXYPROLINE 
16 C HYP 5  C HYP 65 ? PRO 4-HYDROXYPROLINE 
17 C HYP 8  C HYP 68 ? PRO 4-HYDROXYPROLINE 
18 C HYP 20 C HYP 80 ? PRO 4-HYDROXYPROLINE 
19 C HYP 23 C HYP 83 ? PRO 4-HYDROXYPROLINE 
20 C HYP 26 C HYP 86 ? PRO 4-HYDROXYPROLINE 
21 C HYP 29 C HYP 89 ? PRO 4-HYDROXYPROLINE 
# 
loop_
_pdbx_struct_special_symmetry.id 
_pdbx_struct_special_symmetry.PDB_model_num 
_pdbx_struct_special_symmetry.auth_asym_id 
_pdbx_struct_special_symmetry.auth_comp_id 
_pdbx_struct_special_symmetry.auth_seq_id 
_pdbx_struct_special_symmetry.PDB_ins_code 
_pdbx_struct_special_symmetry.label_asym_id 
_pdbx_struct_special_symmetry.label_comp_id 
_pdbx_struct_special_symmetry.label_seq_id 
1 1 B ACY 401 ? D ACY . 
2 1 B ACY 401 ? D ACY . 
3 1 B ACY 405 ? G ACY . 
4 1 B ACY 405 ? G ACY . 
5 1 A HOH 134 ? I HOH . 
6 1 A HOH 189 ? I HOH . 
7 1 A HOH 211 ? I HOH . 
# 
_pdbx_entry_details.entry_id                 1BKV 
_pdbx_entry_details.compound_details         
;HYDROGEN BONDS BETWEEN PEPTIDE CHAINS FOLLOW THE RICH AND
CRICK MODEL II FOR COLLAGEN.
;
_pdbx_entry_details.source_details           ? 
_pdbx_entry_details.nonpolymer_details       
;TWO ACETIC ACID MOLECULES SIT ON A CRYSTALLOGRAPHIC TWO
FOLD.  AS A RESULT THE ASYMMETRIC UNIT FOR THESE TWO ACETIC
ACIDS CONTAIN ONLY ONE OXYGEN ATOM EACH.
;
_pdbx_entry_details.sequence_details         ? 
_pdbx_entry_details.has_ligand_of_interest   ? 
# 
_pdbx_unobs_or_zero_occ_residues.id               1 
_pdbx_unobs_or_zero_occ_residues.PDB_model_num    1 
_pdbx_unobs_or_zero_occ_residues.polymer_flag     Y 
_pdbx_unobs_or_zero_occ_residues.occupancy_flag   1 
_pdbx_unobs_or_zero_occ_residues.auth_asym_id     A 
_pdbx_unobs_or_zero_occ_residues.auth_comp_id     PRO 
_pdbx_unobs_or_zero_occ_residues.auth_seq_id      1 
_pdbx_unobs_or_zero_occ_residues.PDB_ins_code     ? 
_pdbx_unobs_or_zero_occ_residues.label_asym_id    A 
_pdbx_unobs_or_zero_occ_residues.label_comp_id    PRO 
_pdbx_unobs_or_zero_occ_residues.label_seq_id     1 
# 
loop_
_chem_comp_atom.comp_id 
_chem_comp_atom.atom_id 
_chem_comp_atom.type_symbol 
_chem_comp_atom.pdbx_aromatic_flag 
_chem_comp_atom.pdbx_stereo_config 
_chem_comp_atom.pdbx_ordinal 
ACY C    C N N 1   
ACY O    O N N 2   
ACY OXT  O N N 3   
ACY CH3  C N N 4   
ACY HXT  H N N 5   
ACY H1   H N N 6   
ACY H2   H N N 7   
ACY H3   H N N 8   
ALA N    N N N 9   
ALA CA   C N S 10  
ALA C    C N N 11  
ALA O    O N N 12  
ALA CB   C N N 13  
ALA OXT  O N N 14  
ALA H    H N N 15  
ALA H2   H N N 16  
ALA HA   H N N 17  
ALA HB1  H N N 18  
ALA HB2  H N N 19  
ALA HB3  H N N 20  
ALA HXT  H N N 21  
ARG N    N N N 22  
ARG CA   C N S 23  
ARG C    C N N 24  
ARG O    O N N 25  
ARG CB   C N N 26  
ARG CG   C N N 27  
ARG CD   C N N 28  
ARG NE   N N N 29  
ARG CZ   C N N 30  
ARG NH1  N N N 31  
ARG NH2  N N N 32  
ARG OXT  O N N 33  
ARG H    H N N 34  
ARG H2   H N N 35  
ARG HA   H N N 36  
ARG HB2  H N N 37  
ARG HB3  H N N 38  
ARG HG2  H N N 39  
ARG HG3  H N N 40  
ARG HD2  H N N 41  
ARG HD3  H N N 42  
ARG HE   H N N 43  
ARG HH11 H N N 44  
ARG HH12 H N N 45  
ARG HH21 H N N 46  
ARG HH22 H N N 47  
ARG HXT  H N N 48  
GLY N    N N N 49  
GLY CA   C N N 50  
GLY C    C N N 51  
GLY O    O N N 52  
GLY OXT  O N N 53  
GLY H    H N N 54  
GLY H2   H N N 55  
GLY HA2  H N N 56  
GLY HA3  H N N 57  
GLY HXT  H N N 58  
HOH O    O N N 59  
HOH H1   H N N 60  
HOH H2   H N N 61  
HYP N    N N N 62  
HYP CA   C N S 63  
HYP C    C N N 64  
HYP O    O N N 65  
HYP CB   C N N 66  
HYP CG   C N R 67  
HYP CD   C N N 68  
HYP OD1  O N N 69  
HYP OXT  O N N 70  
HYP H    H N N 71  
HYP HA   H N N 72  
HYP HB2  H N N 73  
HYP HB3  H N N 74  
HYP HG   H N N 75  
HYP HD22 H N N 76  
HYP HD23 H N N 77  
HYP HD1  H N N 78  
HYP HXT  H N N 79  
ILE N    N N N 80  
ILE CA   C N S 81  
ILE C    C N N 82  
ILE O    O N N 83  
ILE CB   C N S 84  
ILE CG1  C N N 85  
ILE CG2  C N N 86  
ILE CD1  C N N 87  
ILE OXT  O N N 88  
ILE H    H N N 89  
ILE H2   H N N 90  
ILE HA   H N N 91  
ILE HB   H N N 92  
ILE HG12 H N N 93  
ILE HG13 H N N 94  
ILE HG21 H N N 95  
ILE HG22 H N N 96  
ILE HG23 H N N 97  
ILE HD11 H N N 98  
ILE HD12 H N N 99  
ILE HD13 H N N 100 
ILE HXT  H N N 101 
LEU N    N N N 102 
LEU CA   C N S 103 
LEU C    C N N 104 
LEU O    O N N 105 
LEU CB   C N N 106 
LEU CG   C N N 107 
LEU CD1  C N N 108 
LEU CD2  C N N 109 
LEU OXT  O N N 110 
LEU H    H N N 111 
LEU H2   H N N 112 
LEU HA   H N N 113 
LEU HB2  H N N 114 
LEU HB3  H N N 115 
LEU HG   H N N 116 
LEU HD11 H N N 117 
LEU HD12 H N N 118 
LEU HD13 H N N 119 
LEU HD21 H N N 120 
LEU HD22 H N N 121 
LEU HD23 H N N 122 
LEU HXT  H N N 123 
PRO N    N N N 124 
PRO CA   C N S 125 
PRO C    C N N 126 
PRO O    O N N 127 
PRO CB   C N N 128 
PRO CG   C N N 129 
PRO CD   C N N 130 
PRO OXT  O N N 131 
PRO H    H N N 132 
PRO HA   H N N 133 
PRO HB2  H N N 134 
PRO HB3  H N N 135 
PRO HG2  H N N 136 
PRO HG3  H N N 137 
PRO HD2  H N N 138 
PRO HD3  H N N 139 
PRO HXT  H N N 140 
THR N    N N N 141 
THR CA   C N S 142 
THR C    C N N 143 
THR O    O N N 144 
THR CB   C N R 145 
THR OG1  O N N 146 
THR CG2  C N N 147 
THR OXT  O N N 148 
THR H    H N N 149 
THR H2   H N N 150 
THR HA   H N N 151 
THR HB   H N N 152 
THR HG1  H N N 153 
THR HG21 H N N 154 
THR HG22 H N N 155 
THR HG23 H N N 156 
THR HXT  H N N 157 
# 
loop_
_chem_comp_bond.comp_id 
_chem_comp_bond.atom_id_1 
_chem_comp_bond.atom_id_2 
_chem_comp_bond.value_order 
_chem_comp_bond.pdbx_aromatic_flag 
_chem_comp_bond.pdbx_stereo_config 
_chem_comp_bond.pdbx_ordinal 
ACY C   O    doub N N 1   
ACY C   OXT  sing N N 2   
ACY C   CH3  sing N N 3   
ACY OXT HXT  sing N N 4   
ACY CH3 H1   sing N N 5   
ACY CH3 H2   sing N N 6   
ACY CH3 H3   sing N N 7   
ALA N   CA   sing N N 8   
ALA N   H    sing N N 9   
ALA N   H2   sing N N 10  
ALA CA  C    sing N N 11  
ALA CA  CB   sing N N 12  
ALA CA  HA   sing N N 13  
ALA C   O    doub N N 14  
ALA C   OXT  sing N N 15  
ALA CB  HB1  sing N N 16  
ALA CB  HB2  sing N N 17  
ALA CB  HB3  sing N N 18  
ALA OXT HXT  sing N N 19  
ARG N   CA   sing N N 20  
ARG N   H    sing N N 21  
ARG N   H2   sing N N 22  
ARG CA  C    sing N N 23  
ARG CA  CB   sing N N 24  
ARG CA  HA   sing N N 25  
ARG C   O    doub N N 26  
ARG C   OXT  sing N N 27  
ARG CB  CG   sing N N 28  
ARG CB  HB2  sing N N 29  
ARG CB  HB3  sing N N 30  
ARG CG  CD   sing N N 31  
ARG CG  HG2  sing N N 32  
ARG CG  HG3  sing N N 33  
ARG CD  NE   sing N N 34  
ARG CD  HD2  sing N N 35  
ARG CD  HD3  sing N N 36  
ARG NE  CZ   sing N N 37  
ARG NE  HE   sing N N 38  
ARG CZ  NH1  sing N N 39  
ARG CZ  NH2  doub N N 40  
ARG NH1 HH11 sing N N 41  
ARG NH1 HH12 sing N N 42  
ARG NH2 HH21 sing N N 43  
ARG NH2 HH22 sing N N 44  
ARG OXT HXT  sing N N 45  
GLY N   CA   sing N N 46  
GLY N   H    sing N N 47  
GLY N   H2   sing N N 48  
GLY CA  C    sing N N 49  
GLY CA  HA2  sing N N 50  
GLY CA  HA3  sing N N 51  
GLY C   O    doub N N 52  
GLY C   OXT  sing N N 53  
GLY OXT HXT  sing N N 54  
HOH O   H1   sing N N 55  
HOH O   H2   sing N N 56  
HYP N   CA   sing N N 57  
HYP N   CD   sing N N 58  
HYP N   H    sing N N 59  
HYP CA  C    sing N N 60  
HYP CA  CB   sing N N 61  
HYP CA  HA   sing N N 62  
HYP C   O    doub N N 63  
HYP C   OXT  sing N N 64  
HYP CB  CG   sing N N 65  
HYP CB  HB2  sing N N 66  
HYP CB  HB3  sing N N 67  
HYP CG  CD   sing N N 68  
HYP CG  OD1  sing N N 69  
HYP CG  HG   sing N N 70  
HYP CD  HD22 sing N N 71  
HYP CD  HD23 sing N N 72  
HYP OD1 HD1  sing N N 73  
HYP OXT HXT  sing N N 74  
ILE N   CA   sing N N 75  
ILE N   H    sing N N 76  
ILE N   H2   sing N N 77  
ILE CA  C    sing N N 78  
ILE CA  CB   sing N N 79  
ILE CA  HA   sing N N 80  
ILE C   O    doub N N 81  
ILE C   OXT  sing N N 82  
ILE CB  CG1  sing N N 83  
ILE CB  CG2  sing N N 84  
ILE CB  HB   sing N N 85  
ILE CG1 CD1  sing N N 86  
ILE CG1 HG12 sing N N 87  
ILE CG1 HG13 sing N N 88  
ILE CG2 HG21 sing N N 89  
ILE CG2 HG22 sing N N 90  
ILE CG2 HG23 sing N N 91  
ILE CD1 HD11 sing N N 92  
ILE CD1 HD12 sing N N 93  
ILE CD1 HD13 sing N N 94  
ILE OXT HXT  sing N N 95  
LEU N   CA   sing N N 96  
LEU N   H    sing N N 97  
LEU N   H2   sing N N 98  
LEU CA  C    sing N N 99  
LEU CA  CB   sing N N 100 
LEU CA  HA   sing N N 101 
LEU C   O    doub N N 102 
LEU C   OXT  sing N N 103 
LEU CB  CG   sing N N 104 
LEU CB  HB2  sing N N 105 
LEU CB  HB3  sing N N 106 
LEU CG  CD1  sing N N 107 
LEU CG  CD2  sing N N 108 
LEU CG  HG   sing N N 109 
LEU CD1 HD11 sing N N 110 
LEU CD1 HD12 sing N N 111 
LEU CD1 HD13 sing N N 112 
LEU CD2 HD21 sing N N 113 
LEU CD2 HD22 sing N N 114 
LEU CD2 HD23 sing N N 115 
LEU OXT HXT  sing N N 116 
PRO N   CA   sing N N 117 
PRO N   CD   sing N N 118 
PRO N   H    sing N N 119 
PRO CA  C    sing N N 120 
PRO CA  CB   sing N N 121 
PRO CA  HA   sing N N 122 
PRO C   O    doub N N 123 
PRO C   OXT  sing N N 124 
PRO CB  CG   sing N N 125 
PRO CB  HB2  sing N N 126 
PRO CB  HB3  sing N N 127 
PRO CG  CD   sing N N 128 
PRO CG  HG2  sing N N 129 
PRO CG  HG3  sing N N 130 
PRO CD  HD2  sing N N 131 
PRO CD  HD3  sing N N 132 
PRO OXT HXT  sing N N 133 
THR N   CA   sing N N 134 
THR N   H    sing N N 135 
THR N   H2   sing N N 136 
THR CA  C    sing N N 137 
THR CA  CB   sing N N 138 
THR CA  HA   sing N N 139 
THR C   O    doub N N 140 
THR C   OXT  sing N N 141 
THR CB  OG1  sing N N 142 
THR CB  CG2  sing N N 143 
THR CB  HB   sing N N 144 
THR OG1 HG1  sing N N 145 
THR CG2 HG21 sing N N 146 
THR CG2 HG22 sing N N 147 
THR CG2 HG23 sing N N 148 
THR OXT HXT  sing N N 149 
# 
_pdbx_initial_refinement_model.accession_code   ? 
_pdbx_initial_refinement_model.id               1 
_pdbx_initial_refinement_model.entity_id_list   ? 
_pdbx_initial_refinement_model.type             'in silico model' 
_pdbx_initial_refinement_model.source_name      Other 
_pdbx_initial_refinement_model.details          'IDEALIZED 7-FOLD TRIPLE HELIX' 
# 
_atom_sites.entry_id                    1BKV 
_atom_sites.fract_transf_matrix[1][1]   -0.00492482 
_atom_sites.fract_transf_matrix[1][2]   -0.00498520 
_atom_sites.fract_transf_matrix[1][3]   0.00535485 
_atom_sites.fract_transf_matrix[2][1]   -0.04820721 
_atom_sites.fract_transf_matrix[2][2]   0.04170982 
_atom_sites.fract_transf_matrix[2][3]   -0.00550529 
_atom_sites.fract_transf_matrix[3][1]   -0.01236691 
_atom_sites.fract_transf_matrix[3][2]   -0.01639826 
_atom_sites.fract_transf_matrix[3][3]   -0.01594718 
_atom_sites.fract_transf_vector[1]      0.496107 
_atom_sites.fract_transf_vector[2]      -0.341684 
_atom_sites.fract_transf_vector[3]      0.244988 
# 
loop_
_atom_type.symbol 
C 
N 
O 
# 
loop_
_atom_site.group_PDB 
_atom_site.id 
_atom_site.type_symbol 
_atom_site.label_atom_id 
_atom_site.label_alt_id 
_atom_site.label_comp_id 
_atom_site.label_asym_id 
_atom_site.label_entity_id 
_atom_site.label_seq_id 
_atom_site.pdbx_PDB_ins_code 
_atom_site.Cartn_x 
_atom_site.Cartn_y 
_atom_site.Cartn_z 
_atom_site.occupancy 
_atom_site.B_iso_or_equiv 
_atom_site.pdbx_formal_charge 
_atom_site.auth_seq_id 
_atom_site.auth_comp_id 
_atom_site.auth_asym_id 
_atom_site.auth_atom_id 
_atom_site.pdbx_PDB_model_num 
HETATM 1   N N   . HYP A 1 2  ? -14.575 13.629  -38.324 0.80 58.37 ? 2   HYP A N   1 
HETATM 2   C CA  . HYP A 1 2  ? -13.315 12.877  -38.297 0.80 57.92 ? 2   HYP A CA  1 
HETATM 3   C C   . HYP A 1 2  ? -12.573 12.998  -36.968 0.80 57.67 ? 2   HYP A C   1 
HETATM 4   O O   . HYP A 1 2  ? -13.073 13.596  -36.013 0.80 57.53 ? 2   HYP A O   1 
HETATM 5   C CB  . HYP A 1 2  ? -12.511 13.477  -39.452 0.80 57.93 ? 2   HYP A CB  1 
HETATM 6   C CG  . HYP A 1 2  ? -13.076 14.847  -39.628 0.80 57.98 ? 2   HYP A CG  1 
HETATM 7   C CD  . HYP A 1 2  ? -14.540 14.726  -39.304 0.80 58.25 ? 2   HYP A CD  1 
HETATM 8   O OD1 . HYP A 1 2  ? -12.928 15.263  -40.984 0.80 57.65 ? 2   HYP A OD1 1 
ATOM   9   N N   . GLY A 1 3  ? -11.372 12.432  -36.922 0.80 57.40 ? 3   GLY A N   1 
ATOM   10  C CA  . GLY A 1 3  ? -10.571 12.485  -35.715 0.80 57.46 ? 3   GLY A CA  1 
ATOM   11  C C   . GLY A 1 3  ? -10.668 11.215  -34.889 0.80 57.80 ? 3   GLY A C   1 
ATOM   12  O O   . GLY A 1 3  ? -11.692 10.971  -34.253 0.80 58.19 ? 3   GLY A O   1 
ATOM   13  N N   . PRO A 1 4  ? -9.618  10.378  -34.882 1.00 57.77 ? 4   PRO A N   1 
ATOM   14  C CA  . PRO A 1 4  ? -9.632  9.135   -34.108 1.00 58.02 ? 4   PRO A CA  1 
ATOM   15  C C   . PRO A 1 4  ? -9.102  9.348   -32.686 1.00 57.97 ? 4   PRO A C   1 
ATOM   16  O O   . PRO A 1 4  ? -8.192  10.152  -32.469 1.00 58.52 ? 4   PRO A O   1 
ATOM   17  C CB  . PRO A 1 4  ? -8.730  8.208   -34.920 1.00 57.51 ? 4   PRO A CB  1 
ATOM   18  C CG  . PRO A 1 4  ? -7.749  9.142   -35.599 1.00 56.47 ? 4   PRO A CG  1 
ATOM   19  C CD  . PRO A 1 4  ? -8.358  10.539  -35.627 1.00 57.40 ? 4   PRO A CD  1 
HETATM 20  N N   . HYP A 1 5  ? -9.676  8.638   -31.696 1.00 57.11 ? 5   HYP A N   1 
HETATM 21  C CA  . HYP A 1 5  ? -9.226  8.780   -30.306 1.00 55.47 ? 5   HYP A CA  1 
HETATM 22  C C   . HYP A 1 5  ? -7.743  8.464   -30.158 1.00 54.04 ? 5   HYP A C   1 
HETATM 23  O O   . HYP A 1 5  ? -7.203  7.625   -30.882 1.00 53.93 ? 5   HYP A O   1 
HETATM 24  C CB  . HYP A 1 5  ? -10.104 7.791   -29.542 1.00 56.19 ? 5   HYP A CB  1 
HETATM 25  C CG  . HYP A 1 5  ? -11.319 7.643   -30.391 1.00 56.36 ? 5   HYP A CG  1 
HETATM 26  C CD  . HYP A 1 5  ? -10.790 7.681   -31.800 1.00 56.90 ? 5   HYP A CD  1 
HETATM 27  O OD1 . HYP A 1 5  ? -12.200 8.754   -30.177 1.00 56.15 ? 5   HYP A OD1 1 
ATOM   28  N N   . GLY A 1 6  ? -7.091  9.139   -29.218 1.00 52.43 ? 6   GLY A N   1 
ATOM   29  C CA  . GLY A 1 6  ? -5.675  8.919   -29.002 1.00 50.96 ? 6   GLY A CA  1 
ATOM   30  C C   . GLY A 1 6  ? -5.350  7.604   -28.319 1.00 50.13 ? 6   GLY A C   1 
ATOM   31  O O   . GLY A 1 6  ? -6.244  6.802   -28.043 1.00 49.21 ? 6   GLY A O   1 
ATOM   32  N N   . PRO A 1 7  ? -4.064  7.358   -28.029 1.00 49.25 ? 7   PRO A N   1 
ATOM   33  C CA  . PRO A 1 7  ? -3.632  6.123   -27.370 1.00 49.03 ? 7   PRO A CA  1 
ATOM   34  C C   . PRO A 1 7  ? -3.999  6.134   -25.890 1.00 48.01 ? 7   PRO A C   1 
ATOM   35  O O   . PRO A 1 7  ? -4.104  7.197   -25.272 1.00 48.56 ? 7   PRO A O   1 
ATOM   36  C CB  . PRO A 1 7  ? -2.121  6.124   -27.566 1.00 49.64 ? 7   PRO A CB  1 
ATOM   37  C CG  . PRO A 1 7  ? -1.770  7.580   -27.591 1.00 49.67 ? 7   PRO A CG  1 
ATOM   38  C CD  . PRO A 1 7  ? -2.930  8.261   -28.298 1.00 48.81 ? 7   PRO A CD  1 
HETATM 39  N N   . HYP A 1 8  ? -4.201  4.949   -25.300 1.00 46.01 ? 8   HYP A N   1 
HETATM 40  C CA  . HYP A 1 8  ? -4.549  4.920   -23.877 1.00 43.33 ? 8   HYP A CA  1 
HETATM 41  C C   . HYP A 1 8  ? -3.448  5.596   -23.063 1.00 40.36 ? 8   HYP A C   1 
HETATM 42  O O   . HYP A 1 8  ? -2.271  5.506   -23.406 1.00 39.31 ? 8   HYP A O   1 
HETATM 43  C CB  . HYP A 1 8  ? -4.678  3.428   -23.570 1.00 44.01 ? 8   HYP A CB  1 
HETATM 44  C CG  . HYP A 1 8  ? -4.910  2.780   -24.911 1.00 44.46 ? 8   HYP A CG  1 
HETATM 45  C CD  . HYP A 1 8  ? -4.129  3.598   -25.882 1.00 45.23 ? 8   HYP A CD  1 
HETATM 46  O OD1 . HYP A 1 8  ? -6.297  2.836   -25.248 1.00 44.81 ? 8   HYP A OD1 1 
ATOM   47  N N   . GLY A 1 9  ? -3.834  6.285   -21.995 1.00 38.47 ? 9   GLY A N   1 
ATOM   48  C CA  . GLY A 1 9  ? -2.850  6.959   -21.168 1.00 36.29 ? 9   GLY A CA  1 
ATOM   49  C C   . GLY A 1 9  ? -1.910  5.976   -20.502 1.00 35.63 ? 9   GLY A C   1 
ATOM   50  O O   . GLY A 1 9  ? -2.119  4.766   -20.578 1.00 36.69 ? 9   GLY A O   1 
ATOM   51  N N   . ILE A 1 10 ? -0.869  6.487   -19.853 1.00 34.41 ? 10  ILE A N   1 
ATOM   52  C CA  . ILE A 1 10 ? 0.085   5.624   -19.172 1.00 33.55 ? 10  ILE A CA  1 
ATOM   53  C C   . ILE A 1 10 ? -0.553  5.057   -17.909 1.00 33.07 ? 10  ILE A C   1 
ATOM   54  O O   . ILE A 1 10 ? -1.434  5.677   -17.309 1.00 32.34 ? 10  ILE A O   1 
ATOM   55  C CB  . ILE A 1 10 ? 1.365   6.387   -18.772 1.00 33.76 ? 10  ILE A CB  1 
ATOM   56  C CG1 . ILE A 1 10 ? 1.037   7.441   -17.717 1.00 34.52 ? 10  ILE A CG1 1 
ATOM   57  C CG2 . ILE A 1 10 ? 1.990   7.033   -20.001 1.00 35.04 ? 10  ILE A CG2 1 
ATOM   58  C CD1 . ILE A 1 10 ? 2.257   8.034   -17.037 1.00 34.71 ? 10  ILE A CD1 1 
ATOM   59  N N   . THR A 1 11 ? -0.105  3.870   -17.519 1.00 31.79 ? 11  THR A N   1 
ATOM   60  C CA  . THR A 1 11 ? -0.618  3.208   -16.331 1.00 31.79 ? 11  THR A CA  1 
ATOM   61  C C   . THR A 1 11 ? -0.258  3.999   -15.073 1.00 30.50 ? 11  THR A C   1 
ATOM   62  O O   . THR A 1 11 ? 0.794   4.636   -15.016 1.00 30.35 ? 11  THR A O   1 
ATOM   63  C CB  . THR A 1 11 ? -0.063  1.782   -16.250 1.00 32.86 ? 11  THR A CB  1 
ATOM   64  O OG1 . THR A 1 11 ? -0.186  1.167   -17.540 1.00 33.44 ? 11  THR A OG1 1 
ATOM   65  C CG2 . THR A 1 11 ? -0.834  0.956   -15.231 1.00 33.19 ? 11  THR A CG2 1 
ATOM   66  N N   . GLY A 1 12 ? -1.149  3.965   -14.085 1.00 27.95 ? 12  GLY A N   1 
ATOM   67  C CA  . GLY A 1 12 ? -0.944  4.693   -12.846 1.00 26.83 ? 12  GLY A CA  1 
ATOM   68  C C   . GLY A 1 12 ? 0.200   4.179   -11.994 1.00 27.17 ? 12  GLY A C   1 
ATOM   69  O O   . GLY A 1 12 ? 0.707   3.071   -12.209 1.00 27.45 ? 12  GLY A O   1 
ATOM   70  N N   . ALA A 1 13 ? 0.610   4.988   -11.023 1.00 25.14 ? 13  ALA A N   1 
ATOM   71  C CA  . ALA A 1 13 ? 1.701   4.625   -10.124 1.00 25.09 ? 13  ALA A CA  1 
ATOM   72  C C   . ALA A 1 13 ? 1.241   3.594   -9.105  1.00 23.54 ? 13  ALA A C   1 
ATOM   73  O O   . ALA A 1 13 ? 0.050   3.451   -8.845  1.00 22.46 ? 13  ALA A O   1 
ATOM   74  C CB  . ALA A 1 13 ? 2.217   5.861   -9.399  1.00 26.15 ? 13  ALA A CB  1 
ATOM   75  N N   . ARG A 1 14 ? 2.194   2.877   -8.525  1.00 23.65 ? 14  ARG A N   1 
ATOM   76  C CA  . ARG A 1 14 ? 1.868   1.878   -7.527  1.00 24.06 ? 14  ARG A CA  1 
ATOM   77  C C   . ARG A 1 14 ? 1.332   2.591   -6.298  1.00 24.64 ? 14  ARG A C   1 
ATOM   78  O O   . ARG A 1 14 ? 1.736   3.725   -6.001  1.00 22.15 ? 14  ARG A O   1 
ATOM   79  C CB  . ARG A 1 14 ? 3.115   1.073   -7.155  1.00 24.43 ? 14  ARG A CB  1 
ATOM   80  C CG  . ARG A 1 14 ? 2.823   -0.378  -6.848  1.00 26.44 ? 14  ARG A CG  1 
ATOM   81  C CD  . ARG A 1 14 ? 3.930   -1.024  -6.033  1.00 22.21 ? 14  ARG A CD  1 
ATOM   82  N NE  . ARG A 1 14 ? 3.468   -2.260  -5.411  1.00 21.33 ? 14  ARG A NE  1 
ATOM   83  C CZ  . ARG A 1 14 ? 4.176   -3.382  -5.352  1.00 19.04 ? 14  ARG A CZ  1 
ATOM   84  N NH1 . ARG A 1 14 ? 5.391   -3.431  -5.874  1.00 19.10 ? 14  ARG A NH1 1 
ATOM   85  N NH2 . ARG A 1 14 ? 3.665   -4.456  -4.767  1.00 20.66 ? 14  ARG A NH2 1 
ATOM   86  N N   . GLY A 1 15 ? 0.424   1.930   -5.587  1.00 22.20 ? 15  GLY A N   1 
ATOM   87  C CA  . GLY A 1 15 ? -0.126  2.528   -4.388  1.00 23.26 ? 15  GLY A CA  1 
ATOM   88  C C   . GLY A 1 15 ? 0.927   2.637   -3.293  1.00 23.11 ? 15  GLY A C   1 
ATOM   89  O O   . GLY A 1 15 ? 1.994   2.025   -3.366  1.00 21.10 ? 15  GLY A O   1 
ATOM   90  N N   . LEU A 1 16 ? 0.621   3.435   -2.281  1.00 23.03 ? 16  LEU A N   1 
ATOM   91  C CA  . LEU A 1 16 ? 1.508   3.637   -1.140  1.00 24.12 ? 16  LEU A CA  1 
ATOM   92  C C   . LEU A 1 16 ? 1.654   2.341   -0.334  1.00 23.81 ? 16  LEU A C   1 
ATOM   93  O O   . LEU A 1 16 ? 0.724   1.530   -0.259  1.00 23.89 ? 16  LEU A O   1 
ATOM   94  C CB  . LEU A 1 16 ? 0.920   4.737   -0.250  1.00 26.78 ? 16  LEU A CB  1 
ATOM   95  C CG  . LEU A 1 16 ? 1.718   5.286   0.935   1.00 31.26 ? 16  LEU A CG  1 
ATOM   96  C CD1 . LEU A 1 16 ? 2.743   6.300   0.440   1.00 31.49 ? 16  LEU A CD1 1 
ATOM   97  C CD2 . LEU A 1 16 ? 0.764   5.939   1.932   1.00 32.29 ? 16  LEU A CD2 1 
ATOM   98  N N   . ALA A 1 17 ? 2.820   2.138   0.272   1.00 23.95 ? 17  ALA A N   1 
ATOM   99  C CA  . ALA A 1 17 ? 3.041   0.941   1.079   1.00 22.28 ? 17  ALA A CA  1 
ATOM   100 C C   . ALA A 1 17 ? 2.043   0.948   2.232   1.00 22.38 ? 17  ALA A C   1 
ATOM   101 O O   . ALA A 1 17 ? 1.639   2.006   2.705   1.00 20.24 ? 17  ALA A O   1 
ATOM   102 C CB  . ALA A 1 17 ? 4.470   0.915   1.620   1.00 23.07 ? 17  ALA A CB  1 
ATOM   103 N N   . GLY A 1 18 ? 1.639   -0.238  2.677   1.00 22.29 ? 18  GLY A N   1 
ATOM   104 C CA  . GLY A 1 18 ? 0.682   -0.319  3.760   1.00 21.79 ? 18  GLY A CA  1 
ATOM   105 C C   . GLY A 1 18 ? 1.237   0.098   5.112   1.00 23.03 ? 18  GLY A C   1 
ATOM   106 O O   . GLY A 1 18 ? 2.449   0.244   5.272   1.00 21.78 ? 18  GLY A O   1 
ATOM   107 N N   . PRO A 1 19 ? 0.363   0.325   6.107   1.00 23.48 ? 19  PRO A N   1 
ATOM   108 C CA  . PRO A 1 19 ? 0.786   0.722   7.456   1.00 22.96 ? 19  PRO A CA  1 
ATOM   109 C C   . PRO A 1 19 ? 1.401   -0.463  8.213   1.00 23.41 ? 19  PRO A C   1 
ATOM   110 O O   . PRO A 1 19 ? 1.242   -1.617  7.809   1.00 21.80 ? 19  PRO A O   1 
ATOM   111 C CB  . PRO A 1 19 ? -0.510  1.185   8.104   1.00 22.85 ? 19  PRO A CB  1 
ATOM   112 C CG  . PRO A 1 19 ? -1.550  0.344   7.432   1.00 22.18 ? 19  PRO A CG  1 
ATOM   113 C CD  . PRO A 1 19 ? -1.104  0.244   6.002   1.00 20.03 ? 19  PRO A CD  1 
HETATM 114 N N   . HYP A 1 20 ? 2.145   -0.188  9.300   1.00 25.31 ? 20  HYP A N   1 
HETATM 115 C CA  . HYP A 1 20 ? 2.753   -1.279  10.070  1.00 25.35 ? 20  HYP A CA  1 
HETATM 116 C C   . HYP A 1 20 ? 1.684   -2.170  10.673  1.00 25.13 ? 20  HYP A C   1 
HETATM 117 O O   . HYP A 1 20 ? 0.585   -1.708  10.973  1.00 25.43 ? 20  HYP A O   1 
HETATM 118 C CB  . HYP A 1 20 ? 3.548   -0.558  11.166  1.00 25.81 ? 20  HYP A CB  1 
HETATM 119 C CG  . HYP A 1 20 ? 3.781   0.794   10.643  1.00 25.68 ? 20  HYP A CG  1 
HETATM 120 C CD  . HYP A 1 20 ? 2.517   1.124   9.857   1.00 24.66 ? 20  HYP A CD  1 
HETATM 121 O OD1 . HYP A 1 20 ? 4.909   0.764   9.772   1.00 26.17 ? 20  HYP A OD1 1 
ATOM   122 N N   . GLY A 1 21 ? 2.014   -3.444  10.849  1.00 25.65 ? 21  GLY A N   1 
ATOM   123 C CA  . GLY A 1 21 ? 1.073   -4.377  11.439  1.00 27.30 ? 21  GLY A CA  1 
ATOM   124 C C   . GLY A 1 21 ? 0.720   -3.980  12.862  1.00 27.59 ? 21  GLY A C   1 
ATOM   125 O O   . GLY A 1 21 ? 1.263   -3.017  13.391  1.00 27.21 ? 21  GLY A O   1 
ATOM   126 N N   . PRO A 1 22 ? -0.202  -4.698  13.510  1.00 29.89 ? 22  PRO A N   1 
ATOM   127 C CA  . PRO A 1 22 ? -0.555  -4.333  14.882  1.00 31.44 ? 22  PRO A CA  1 
ATOM   128 C C   . PRO A 1 22 ? 0.520   -4.766  15.868  1.00 33.09 ? 22  PRO A C   1 
ATOM   129 O O   . PRO A 1 22 ? 1.341   -5.632  15.561  1.00 31.48 ? 22  PRO A O   1 
ATOM   130 C CB  . PRO A 1 22 ? -1.864  -5.070  15.124  1.00 33.38 ? 22  PRO A CB  1 
ATOM   131 C CG  . PRO A 1 22 ? -1.770  -6.272  14.233  1.00 32.28 ? 22  PRO A CG  1 
ATOM   132 C CD  . PRO A 1 22 ? -0.968  -5.861  13.028  1.00 30.14 ? 22  PRO A CD  1 
HETATM 133 N N   . HYP A 1 23 ? 0.535   -4.152  17.063  1.00 33.94 ? 23  HYP A N   1 
HETATM 134 C CA  . HYP A 1 23 ? 1.527   -4.506  18.083  1.00 35.24 ? 23  HYP A CA  1 
HETATM 135 C C   . HYP A 1 23 ? 1.519   -6.016  18.335  1.00 35.63 ? 23  HYP A C   1 
HETATM 136 O O   . HYP A 1 23 ? 0.483   -6.677  18.194  1.00 36.58 ? 23  HYP A O   1 
HETATM 137 C CB  . HYP A 1 23 ? 1.084   -3.723  19.317  1.00 37.08 ? 23  HYP A CB  1 
HETATM 138 C CG  . HYP A 1 23 ? 0.205   -2.635  18.813  1.00 37.74 ? 23  HYP A CG  1 
HETATM 139 C CD  . HYP A 1 23 ? -0.374  -3.082  17.504  1.00 35.34 ? 23  HYP A CD  1 
HETATM 140 O OD1 . HYP A 1 23 ? 0.970   -1.431  18.624  1.00 40.15 ? 23  HYP A OD1 1 
ATOM   141 N N   . GLY A 1 24 ? 2.678   -6.558  18.696  1.00 35.75 ? 24  GLY A N   1 
ATOM   142 C CA  . GLY A 1 24 ? 2.779   -7.980  18.958  1.00 34.90 ? 24  GLY A CA  1 
ATOM   143 C C   . GLY A 1 24 ? 2.099   -8.370  20.260  1.00 34.41 ? 24  GLY A C   1 
ATOM   144 O O   . GLY A 1 24 ? 1.612   -7.505  20.985  1.00 33.33 ? 24  GLY A O   1 
ATOM   145 N N   . PRO A 1 25 ? 2.043   -9.673  20.578  1.00 34.67 ? 25  PRO A N   1 
ATOM   146 C CA  . PRO A 1 25 ? 1.410   -10.146 21.810  1.00 35.68 ? 25  PRO A CA  1 
ATOM   147 C C   . PRO A 1 25 ? 2.304   -9.926  23.029  1.00 37.82 ? 25  PRO A C   1 
ATOM   148 O O   . PRO A 1 25 ? 3.506   -9.676  22.896  1.00 38.03 ? 25  PRO A O   1 
ATOM   149 C CB  . PRO A 1 25 ? 1.165   -11.626 21.537  1.00 34.52 ? 25  PRO A CB  1 
ATOM   150 C CG  . PRO A 1 25 ? 2.251   -12.006 20.599  1.00 35.74 ? 25  PRO A CG  1 
ATOM   151 C CD  . PRO A 1 25 ? 2.576   -10.787 19.772  1.00 35.57 ? 25  PRO A CD  1 
HETATM 152 N N   . HYP A 1 26 ? 1.727   -10.022 24.235  1.00 38.89 ? 26  HYP A N   1 
HETATM 153 C CA  . HYP A 1 26 ? 2.500   -9.828  25.465  1.00 39.69 ? 26  HYP A CA  1 
HETATM 154 C C   . HYP A 1 26 ? 3.689   -10.775 25.535  1.00 40.31 ? 26  HYP A C   1 
HETATM 155 O O   . HYP A 1 26 ? 3.647   -11.878 24.989  1.00 40.06 ? 26  HYP A O   1 
HETATM 156 C CB  . HYP A 1 26 ? 1.478   -10.082 26.571  1.00 40.72 ? 26  HYP A CB  1 
HETATM 157 C CG  . HYP A 1 26 ? 0.142   -9.816  25.902  1.00 40.26 ? 26  HYP A CG  1 
HETATM 158 C CD  . HYP A 1 26 ? 0.315   -10.327 24.518  1.00 39.04 ? 26  HYP A CD  1 
HETATM 159 O OD1 . HYP A 1 26 ? -0.114  -8.412  25.849  1.00 41.27 ? 26  HYP A OD1 1 
ATOM   160 N N   . GLY A 1 27 ? 4.750   -10.335 26.203  1.00 41.90 ? 27  GLY A N   1 
ATOM   161 C CA  . GLY A 1 27 ? 5.946   -11.150 26.327  1.00 44.10 ? 27  GLY A CA  1 
ATOM   162 C C   . GLY A 1 27 ? 5.841   -12.200 27.416  1.00 46.30 ? 27  GLY A C   1 
ATOM   163 O O   . GLY A 1 27 ? 4.855   -12.228 28.152  1.00 46.47 ? 27  GLY A O   1 
ATOM   164 N N   . PRO A 1 28 ? 6.848   -13.079 27.551  1.00 47.76 ? 28  PRO A N   1 
ATOM   165 C CA  . PRO A 1 28 ? 6.826   -14.128 28.578  1.00 48.29 ? 28  PRO A CA  1 
ATOM   166 C C   . PRO A 1 28 ? 6.980   -13.559 29.987  1.00 49.26 ? 28  PRO A C   1 
ATOM   167 O O   . PRO A 1 28 ? 7.455   -12.435 30.161  1.00 48.56 ? 28  PRO A O   1 
ATOM   168 C CB  . PRO A 1 28 ? 8.001   -15.041 28.198  1.00 47.67 ? 28  PRO A CB  1 
ATOM   169 C CG  . PRO A 1 28 ? 8.468   -14.572 26.835  1.00 47.23 ? 28  PRO A CG  1 
ATOM   170 C CD  . PRO A 1 28 ? 8.077   -13.132 26.741  1.00 47.55 ? 28  PRO A CD  1 
HETATM 171 N N   . HYP A 1 29 ? 6.571   -14.327 31.011  1.00 50.91 ? 29  HYP A N   1 
HETATM 172 C CA  . HYP A 1 29 ? 6.680   -13.873 32.404  1.00 52.30 ? 29  HYP A CA  1 
HETATM 173 C C   . HYP A 1 29 ? 8.139   -13.746 32.837  1.00 53.04 ? 29  HYP A C   1 
HETATM 174 O O   . HYP A 1 29 ? 9.002   -14.480 32.355  1.00 52.67 ? 29  HYP A O   1 
HETATM 175 C CB  . HYP A 1 29 ? 5.941   -14.950 33.204  1.00 52.51 ? 29  HYP A CB  1 
HETATM 176 C CG  . HYP A 1 29 ? 5.174   -15.748 32.191  1.00 52.23 ? 29  HYP A CG  1 
HETATM 177 C CD  . HYP A 1 29 ? 5.965   -15.666 30.922  1.00 51.46 ? 29  HYP A CD  1 
HETATM 178 O OD1 . HYP A 1 29 ? 3.882   -15.161 31.998  1.00 53.27 ? 29  HYP A OD1 1 
ATOM   179 N N   . GLY A 1 30 ? 8.407   -12.813 33.745  1.00 53.79 ? 30  GLY A N   1 
ATOM   180 C CA  . GLY A 1 30 ? 9.765   -12.610 34.214  1.00 54.84 ? 30  GLY A CA  1 
ATOM   181 C C   . GLY A 1 30 ? 10.188  -13.606 35.275  1.00 55.58 ? 30  GLY A C   1 
ATOM   182 O O   . GLY A 1 30 ? 9.320   -14.034 36.070  1.00 55.67 ? 30  GLY A O   1 
ATOM   183 O OXT . GLY A 1 30 ? 11.391  -13.957 35.314  1.00 55.63 ? 30  GLY A OXT 1 
ATOM   184 N N   . PRO B 1 1  ? -10.471 17.639  -37.434 1.00 53.99 ? 31  PRO B N   1 
ATOM   185 C CA  . PRO B 1 1  ? -9.312  17.986  -36.581 1.00 53.79 ? 31  PRO B CA  1 
ATOM   186 C C   . PRO B 1 1  ? -8.904  16.743  -35.793 1.00 53.39 ? 31  PRO B C   1 
ATOM   187 O O   . PRO B 1 1  ? -9.593  15.719  -35.839 1.00 53.59 ? 31  PRO B O   1 
ATOM   188 C CB  . PRO B 1 1  ? -9.731  19.103  -35.631 1.00 53.68 ? 31  PRO B CB  1 
ATOM   189 C CG  . PRO B 1 1  ? -11.226 19.301  -35.930 1.00 53.27 ? 31  PRO B CG  1 
ATOM   190 C CD  . PRO B 1 1  ? -11.716 18.202  -36.883 1.00 54.22 ? 31  PRO B CD  1 
HETATM 191 N N   . HYP B 1 2  ? -7.771  16.809  -35.073 1.00 52.23 ? 32  HYP B N   1 
HETATM 192 C CA  . HYP B 1 2  ? -7.340  15.644  -34.296 1.00 51.36 ? 32  HYP B CA  1 
HETATM 193 C C   . HYP B 1 2  ? -8.470  15.064  -33.446 1.00 50.73 ? 32  HYP B C   1 
HETATM 194 O O   . HYP B 1 2  ? -9.323  15.801  -32.944 1.00 50.09 ? 32  HYP B O   1 
HETATM 195 C CB  . HYP B 1 2  ? -6.191  16.179  -33.434 1.00 51.78 ? 32  HYP B CB  1 
HETATM 196 C CG  . HYP B 1 2  ? -6.193  17.675  -33.626 1.00 51.66 ? 32  HYP B CG  1 
HETATM 197 C CD  . HYP B 1 2  ? -6.824  17.929  -34.949 1.00 51.66 ? 32  HYP B CD  1 
HETATM 198 O OD1 . HYP B 1 2  ? -4.847  18.164  -33.635 1.00 50.93 ? 32  HYP B OD1 1 
ATOM   199 N N   . GLY B 1 3  ? -8.472  13.742  -33.294 1.00 49.77 ? 33  GLY B N   1 
ATOM   200 C CA  . GLY B 1 3  ? -9.498  13.086  -32.505 1.00 47.87 ? 33  GLY B CA  1 
ATOM   201 C C   . GLY B 1 3  ? -9.471  13.479  -31.040 1.00 46.74 ? 33  GLY B C   1 
ATOM   202 O O   . GLY B 1 3  ? -8.637  14.283  -30.624 1.00 46.13 ? 33  GLY B O   1 
ATOM   203 N N   . PRO B 1 4  ? -10.380 12.926  -30.223 1.00 46.08 ? 34  PRO B N   1 
ATOM   204 C CA  . PRO B 1 4  ? -10.419 13.255  -28.795 1.00 44.69 ? 34  PRO B CA  1 
ATOM   205 C C   . PRO B 1 4  ? -9.335  12.518  -28.005 1.00 43.81 ? 34  PRO B C   1 
ATOM   206 O O   . PRO B 1 4  ? -8.772  11.533  -28.486 1.00 41.81 ? 34  PRO B O   1 
ATOM   207 C CB  . PRO B 1 4  ? -11.829 12.839  -28.362 1.00 44.60 ? 34  PRO B CB  1 
ATOM   208 C CG  . PRO B 1 4  ? -12.502 12.263  -29.599 1.00 45.64 ? 34  PRO B CG  1 
ATOM   209 C CD  . PRO B 1 4  ? -11.425 11.959  -30.590 1.00 45.43 ? 34  PRO B CD  1 
HETATM 210 N N   . HYP B 1 5  ? -9.023  13.000  -26.786 1.00 43.04 ? 35  HYP B N   1 
HETATM 211 C CA  . HYP B 1 5  ? -8.000  12.359  -25.952 1.00 41.84 ? 35  HYP B CA  1 
HETATM 212 C C   . HYP B 1 5  ? -8.286  10.869  -25.798 1.00 40.20 ? 35  HYP B C   1 
HETATM 213 O O   . HYP B 1 5  ? -9.440  10.447  -25.853 1.00 40.68 ? 35  HYP B O   1 
HETATM 214 C CB  . HYP B 1 5  ? -8.099  13.087  -24.613 1.00 43.28 ? 35  HYP B CB  1 
HETATM 215 C CG  . HYP B 1 5  ? -8.788  14.370  -24.900 1.00 44.66 ? 35  HYP B CG  1 
HETATM 216 C CD  . HYP B 1 5  ? -9.615  14.185  -26.140 1.00 44.05 ? 35  HYP B CD  1 
HETATM 217 O OD1 . HYP B 1 5  ? -7.822  15.407  -25.113 1.00 46.60 ? 35  HYP B OD1 1 
ATOM   218 N N   . GLY B 1 6  ? -7.234  10.080  -25.608 1.00 38.10 ? 36  GLY B N   1 
ATOM   219 C CA  . GLY B 1 6  ? -7.401  8.648   -25.454 1.00 37.10 ? 36  GLY B CA  1 
ATOM   220 C C   . GLY B 1 6  ? -8.082  8.285   -24.150 1.00 36.28 ? 36  GLY B C   1 
ATOM   221 O O   . GLY B 1 6  ? -8.412  9.166   -23.352 1.00 35.78 ? 36  GLY B O   1 
ATOM   222 N N   . PRO B 1 7  ? -8.313  6.990   -23.897 1.00 36.53 ? 37  PRO B N   1 
ATOM   223 C CA  . PRO B 1 7  ? -8.970  6.624   -22.639 1.00 36.38 ? 37  PRO B CA  1 
ATOM   224 C C   . PRO B 1 7  ? -7.963  6.651   -21.497 1.00 35.16 ? 37  PRO B C   1 
ATOM   225 O O   . PRO B 1 7  ? -6.757  6.578   -21.725 1.00 35.23 ? 37  PRO B O   1 
ATOM   226 C CB  . PRO B 1 7  ? -9.511  5.218   -22.904 1.00 37.02 ? 37  PRO B CB  1 
ATOM   227 C CG  . PRO B 1 7  ? -8.595  4.656   -23.955 1.00 38.32 ? 37  PRO B CG  1 
ATOM   228 C CD  . PRO B 1 7  ? -7.985  5.814   -24.722 1.00 36.53 ? 37  PRO B CD  1 
HETATM 229 N N   . HYP B 1 8  ? -8.446  6.773   -20.252 1.00 35.13 ? 38  HYP B N   1 
HETATM 230 C CA  . HYP B 1 8  ? -7.555  6.807   -19.087 1.00 33.27 ? 38  HYP B CA  1 
HETATM 231 C C   . HYP B 1 8  ? -6.655  5.578   -19.035 1.00 31.89 ? 38  HYP B C   1 
HETATM 232 O O   . HYP B 1 8  ? -7.032  4.503   -19.498 1.00 32.77 ? 38  HYP B O   1 
HETATM 233 C CB  . HYP B 1 8  ? -8.518  6.874   -17.903 1.00 33.98 ? 38  HYP B CB  1 
HETATM 234 C CG  . HYP B 1 8  ? -9.774  7.465   -18.479 1.00 32.48 ? 38  HYP B CG  1 
HETATM 235 C CD  . HYP B 1 8  ? -9.862  6.907   -19.865 1.00 34.70 ? 38  HYP B CD  1 
HETATM 236 O OD1 . HYP B 1 8  ? -9.645  8.875   -18.556 1.00 36.28 ? 38  HYP B OD1 1 
ATOM   237 N N   . GLY B 1 9  ? -5.458  5.745   -18.491 1.00 31.73 ? 39  GLY B N   1 
ATOM   238 C CA  . GLY B 1 9  ? -4.535  4.633   -18.398 1.00 31.28 ? 39  GLY B CA  1 
ATOM   239 C C   . GLY B 1 9  ? -5.006  3.612   -17.379 1.00 31.44 ? 39  GLY B C   1 
ATOM   240 O O   . GLY B 1 9  ? -5.896  3.885   -16.572 1.00 30.69 ? 39  GLY B O   1 
ATOM   241 N N   . ILE B 1 10 ? -4.417  2.422   -17.424 1.00 30.81 ? 40  ILE B N   1 
ATOM   242 C CA  . ILE B 1 10 ? -4.774  1.368   -16.488 1.00 30.08 ? 40  ILE B CA  1 
ATOM   243 C C   . ILE B 1 10 ? -4.462  1.824   -15.064 1.00 28.71 ? 40  ILE B C   1 
ATOM   244 O O   . ILE B 1 10 ? -3.461  2.494   -14.822 1.00 26.65 ? 40  ILE B O   1 
ATOM   245 C CB  . ILE B 1 10 ? -3.989  0.076   -16.785 1.00 30.13 ? 40  ILE B CB  1 
ATOM   246 C CG1 . ILE B 1 10 ? -4.181  -0.322  -18.252 1.00 32.64 ? 40  ILE B CG1 1 
ATOM   247 C CG2 . ILE B 1 10 ? -4.467  -1.052  -15.876 1.00 32.07 ? 40  ILE B CG2 1 
ATOM   248 C CD1 . ILE B 1 10 ? -5.639  -0.509  -18.671 1.00 33.96 ? 40  ILE B CD1 1 
ATOM   249 N N   . THR B 1 11 ? -5.335  1.466   -14.132 1.00 27.09 ? 41  THR B N   1 
ATOM   250 C CA  . THR B 1 11 ? -5.163  1.819   -12.729 1.00 25.42 ? 41  THR B CA  1 
ATOM   251 C C   . THR B 1 11 ? -3.896  1.175   -12.158 1.00 25.08 ? 41  THR B C   1 
ATOM   252 O O   . THR B 1 11 ? -3.570  0.044   -12.504 1.00 24.71 ? 41  THR B O   1 
ATOM   253 C CB  . THR B 1 11 ? -6.385  1.354   -11.916 1.00 24.13 ? 41  THR B CB  1 
ATOM   254 O OG1 . THR B 1 11 ? -7.546  2.051   -12.385 1.00 24.13 ? 41  THR B OG1 1 
ATOM   255 C CG2 . THR B 1 11 ? -6.192  1.623   -10.424 1.00 23.01 ? 41  THR B CG2 1 
ATOM   256 N N   . GLY B 1 12 ? -3.189  1.900   -11.292 1.00 23.54 ? 42  GLY B N   1 
ATOM   257 C CA  . GLY B 1 12 ? -1.973  1.380   -10.691 1.00 21.44 ? 42  GLY B CA  1 
ATOM   258 C C   . GLY B 1 12 ? -2.178  0.171   -9.791  1.00 23.15 ? 42  GLY B C   1 
ATOM   259 O O   . GLY B 1 12 ? -3.297  -0.123  -9.358  1.00 23.32 ? 42  GLY B O   1 
ATOM   260 N N   . ALA B 1 13 ? -1.091  -0.538  -9.507  1.00 23.46 ? 43  ALA B N   1 
ATOM   261 C CA  . ALA B 1 13 ? -1.145  -1.721  -8.658  1.00 22.57 ? 43  ALA B CA  1 
ATOM   262 C C   . ALA B 1 13 ? -1.217  -1.365  -7.176  1.00 22.56 ? 43  ALA B C   1 
ATOM   263 O O   . ALA B 1 13 ? -0.791  -0.287  -6.759  1.00 23.35 ? 43  ALA B O   1 
ATOM   264 C CB  . ALA B 1 13 ? 0.074   -2.594  -8.915  1.00 22.88 ? 43  ALA B CB  1 
ATOM   265 N N   . ARG B 1 14 ? -1.752  -2.284  -6.379  1.00 21.65 ? 44  ARG B N   1 
ATOM   266 C CA  . ARG B 1 14 ? -1.850  -2.074  -4.943  1.00 24.19 ? 44  ARG B CA  1 
ATOM   267 C C   . ARG B 1 14 ? -0.444  -1.957  -4.353  1.00 22.51 ? 44  ARG B C   1 
ATOM   268 O O   . ARG B 1 14 ? 0.505   -2.567  -4.854  1.00 20.49 ? 44  ARG B O   1 
ATOM   269 C CB  . ARG B 1 14 ? -2.588  -3.248  -4.283  1.00 25.52 ? 44  ARG B CB  1 
ATOM   270 C CG  . ARG B 1 14 ? -3.025  -2.966  -2.842  1.00 28.44 ? 44  ARG B CG  1 
ATOM   271 C CD  . ARG B 1 14 ? -3.812  -4.129  -2.242  1.00 26.34 ? 44  ARG B CD  1 
ATOM   272 N NE  . ARG B 1 14 ? -5.218  -4.095  -2.630  1.00 27.12 ? 44  ARG B NE  1 
ATOM   273 C CZ  . ARG B 1 14 ? -6.125  -3.302  -2.069  1.00 26.18 ? 44  ARG B CZ  1 
ATOM   274 N NH1 . ARG B 1 14 ? -5.770  -2.472  -1.099  1.00 25.87 ? 44  ARG B NH1 1 
ATOM   275 N NH2 . ARG B 1 14 ? -7.380  -3.336  -2.480  1.00 24.56 ? 44  ARG B NH2 1 
ATOM   276 N N   . GLY B 1 15 ? -0.303  -1.168  -3.292  1.00 23.14 ? 45  GLY B N   1 
ATOM   277 C CA  . GLY B 1 15 ? 1.008   -1.011  -2.681  1.00 22.99 ? 45  GLY B CA  1 
ATOM   278 C C   . GLY B 1 15 ? 1.529   -2.238  -1.947  1.00 22.87 ? 45  GLY B C   1 
ATOM   279 O O   . GLY B 1 15 ? 0.786   -3.179  -1.649  1.00 23.80 ? 45  GLY B O   1 
ATOM   280 N N   . LEU B 1 16 ? 2.822   -2.244  -1.651  1.00 22.87 ? 46  LEU B N   1 
ATOM   281 C CA  . LEU B 1 16 ? 3.401   -3.369  -0.928  1.00 22.06 ? 46  LEU B CA  1 
ATOM   282 C C   . LEU B 1 16 ? 2.774   -3.427  0.465   1.00 20.37 ? 46  LEU B C   1 
ATOM   283 O O   . LEU B 1 16 ? 2.294   -2.417  0.983   1.00 19.66 ? 46  LEU B O   1 
ATOM   284 C CB  . LEU B 1 16 ? 4.924   -3.208  -0.830  1.00 21.71 ? 46  LEU B CB  1 
ATOM   285 C CG  . LEU B 1 16 ? 5.676   -3.430  -2.148  1.00 22.29 ? 46  LEU B CG  1 
ATOM   286 C CD1 . LEU B 1 16 ? 7.022   -2.718  -2.132  1.00 21.21 ? 46  LEU B CD1 1 
ATOM   287 C CD2 . LEU B 1 16 ? 5.855   -4.913  -2.366  1.00 19.71 ? 46  LEU B CD2 1 
ATOM   288 N N   . ALA B 1 17 ? 2.754   -4.606  1.075   1.00 21.04 ? 47  ALA B N   1 
ATOM   289 C CA  . ALA B 1 17 ? 2.189   -4.714  2.414   1.00 21.13 ? 47  ALA B CA  1 
ATOM   290 C C   . ALA B 1 17 ? 3.096   -3.919  3.360   1.00 20.17 ? 47  ALA B C   1 
ATOM   291 O O   . ALA B 1 17 ? 4.286   -3.758  3.097   1.00 22.28 ? 47  ALA B O   1 
ATOM   292 C CB  . ALA B 1 17 ? 2.121   -6.172  2.844   1.00 23.11 ? 47  ALA B CB  1 
ATOM   293 N N   . GLY B 1 18 ? 2.534   -3.406  4.443   1.00 19.15 ? 48  GLY B N   1 
ATOM   294 C CA  . GLY B 1 18 ? 3.344   -2.645  5.375   1.00 20.31 ? 48  GLY B CA  1 
ATOM   295 C C   . GLY B 1 18 ? 4.291   -3.539  6.156   1.00 20.94 ? 48  GLY B C   1 
ATOM   296 O O   . GLY B 1 18 ? 4.237   -4.762  6.036   1.00 20.57 ? 48  GLY B O   1 
ATOM   297 N N   . PRO B 1 19 ? 5.189   -2.952  6.959   1.00 21.07 ? 49  PRO B N   1 
ATOM   298 C CA  . PRO B 1 19 ? 6.146   -3.715  7.762   1.00 22.49 ? 49  PRO B CA  1 
ATOM   299 C C   . PRO B 1 19 ? 5.502   -4.353  8.991   1.00 22.42 ? 49  PRO B C   1 
ATOM   300 O O   . PRO B 1 19 ? 4.351   -4.064  9.324   1.00 23.46 ? 49  PRO B O   1 
ATOM   301 C CB  . PRO B 1 19 ? 7.201   -2.668  8.168   1.00 23.85 ? 49  PRO B CB  1 
ATOM   302 C CG  . PRO B 1 19 ? 6.829   -1.395  7.427   1.00 24.11 ? 49  PRO B CG  1 
ATOM   303 C CD  . PRO B 1 19 ? 5.371   -1.503  7.129   1.00 20.81 ? 49  PRO B CD  1 
HETATM 304 N N   . HYP B 1 20 ? 6.235   -5.254  9.667   1.00 23.87 ? 50  HYP B N   1 
HETATM 305 C CA  . HYP B 1 20 ? 5.697   -5.900  10.869  1.00 22.77 ? 50  HYP B CA  1 
HETATM 306 C C   . HYP B 1 20 ? 5.381   -4.853  11.936  1.00 23.55 ? 50  HYP B C   1 
HETATM 307 O O   . HYP B 1 20 ? 6.034   -3.807  12.008  1.00 22.12 ? 50  HYP B O   1 
HETATM 308 C CB  . HYP B 1 20 ? 6.823   -6.824  11.323  1.00 22.58 ? 50  HYP B CB  1 
HETATM 309 C CG  . HYP B 1 20 ? 7.667   -7.031  10.119  1.00 24.90 ? 50  HYP B CG  1 
HETATM 310 C CD  . HYP B 1 20 ? 7.576   -5.761  9.327   1.00 23.69 ? 50  HYP B CD  1 
HETATM 311 O OD1 . HYP B 1 20 ? 7.147   -8.125  9.351   1.00 28.19 ? 50  HYP B OD1 1 
ATOM   312 N N   . GLY B 1 21 ? 4.379   -5.137  12.758  1.00 23.66 ? 51  GLY B N   1 
ATOM   313 C CA  . GLY B 1 21 ? 4.013   -4.217  13.816  1.00 26.27 ? 51  GLY B CA  1 
ATOM   314 C C   . GLY B 1 21 ? 5.052   -4.167  14.929  1.00 26.99 ? 51  GLY B C   1 
ATOM   315 O O   . GLY B 1 21 ? 6.003   -4.946  14.935  1.00 25.52 ? 51  GLY B O   1 
ATOM   316 N N   . PRO B 1 22 ? 4.895   -3.250  15.891  1.00 28.56 ? 52  PRO B N   1 
ATOM   317 C CA  . PRO B 1 22 ? 5.847   -3.134  16.999  1.00 29.66 ? 52  PRO B CA  1 
ATOM   318 C C   . PRO B 1 22 ? 5.809   -4.363  17.904  1.00 30.97 ? 52  PRO B C   1 
ATOM   319 O O   . PRO B 1 22 ? 4.845   -5.120  17.893  1.00 30.33 ? 52  PRO B O   1 
ATOM   320 C CB  . PRO B 1 22 ? 5.394   -1.877  17.731  1.00 29.39 ? 52  PRO B CB  1 
ATOM   321 C CG  . PRO B 1 22 ? 3.950   -1.753  17.411  1.00 29.52 ? 52  PRO B CG  1 
ATOM   322 C CD  . PRO B 1 22 ? 3.801   -2.271  15.999  1.00 29.01 ? 52  PRO B CD  1 
HETATM 323 N N   . HYP B 1 23 ? 6.879   -4.590  18.676  1.00 32.39 ? 53  HYP B N   1 
HETATM 324 C CA  . HYP B 1 23 ? 6.920   -5.744  19.579  1.00 33.77 ? 53  HYP B CA  1 
HETATM 325 C C   . HYP B 1 23 ? 5.824   -5.618  20.636  1.00 33.52 ? 53  HYP B C   1 
HETATM 326 O O   . HYP B 1 23 ? 5.418   -4.513  20.985  1.00 33.49 ? 53  HYP B O   1 
HETATM 327 C CB  . HYP B 1 23 ? 8.321   -5.674  20.199  1.00 34.10 ? 53  HYP B CB  1 
HETATM 328 C CG  . HYP B 1 23 ? 9.113   -4.795  19.264  1.00 34.15 ? 53  HYP B CG  1 
HETATM 329 C CD  . HYP B 1 23 ? 8.122   -3.806  18.732  1.00 33.61 ? 53  HYP B CD  1 
HETATM 330 O OD1 . HYP B 1 23 ? 9.637   -5.579  18.186  1.00 35.88 ? 53  HYP B OD1 1 
ATOM   331 N N   . GLY B 1 24 ? 5.345   -6.749  21.137  1.00 33.72 ? 54  GLY B N   1 
ATOM   332 C CA  . GLY B 1 24 ? 4.311   -6.710  22.151  1.00 34.34 ? 54  GLY B CA  1 
ATOM   333 C C   . GLY B 1 24 ? 4.809   -6.118  23.457  1.00 35.06 ? 54  GLY B C   1 
ATOM   334 O O   . GLY B 1 24 ? 6.001   -5.843  23.601  1.00 35.07 ? 54  GLY B O   1 
ATOM   335 N N   . PRO B 1 25 ? 3.914   -5.902  24.433  1.00 35.44 ? 55  PRO B N   1 
ATOM   336 C CA  . PRO B 1 25 ? 4.327   -5.336  25.719  1.00 36.28 ? 55  PRO B CA  1 
ATOM   337 C C   . PRO B 1 25 ? 5.072   -6.377  26.552  1.00 36.34 ? 55  PRO B C   1 
ATOM   338 O O   . PRO B 1 25 ? 5.072   -7.566  26.226  1.00 35.31 ? 55  PRO B O   1 
ATOM   339 C CB  . PRO B 1 25 ? 3.010   -4.920  26.361  1.00 35.93 ? 55  PRO B CB  1 
ATOM   340 C CG  . PRO B 1 25 ? 2.026   -5.907  25.821  1.00 36.89 ? 55  PRO B CG  1 
ATOM   341 C CD  . PRO B 1 25 ? 2.466   -6.176  24.395  1.00 35.83 ? 55  PRO B CD  1 
HETATM 342 N N   . HYP B 1 26 ? 5.725   -5.940  27.637  1.00 37.30 ? 56  HYP B N   1 
HETATM 343 C CA  . HYP B 1 26 ? 6.461   -6.883  28.485  1.00 37.41 ? 56  HYP B CA  1 
HETATM 344 C C   . HYP B 1 26 ? 5.507   -7.844  29.168  1.00 36.70 ? 56  HYP B C   1 
HETATM 345 O O   . HYP B 1 26 ? 4.366   -7.488  29.447  1.00 37.04 ? 56  HYP B O   1 
HETATM 346 C CB  . HYP B 1 26 ? 7.176   -5.981  29.494  1.00 37.72 ? 56  HYP B CB  1 
HETATM 347 C CG  . HYP B 1 26 ? 7.135   -4.611  28.883  1.00 37.27 ? 56  HYP B CG  1 
HETATM 348 C CD  . HYP B 1 26 ? 5.834   -4.564  28.147  1.00 37.08 ? 56  HYP B CD  1 
HETATM 349 O OD1 . HYP B 1 26 ? 8.213   -4.473  27.956  1.00 38.99 ? 56  HYP B OD1 1 
ATOM   350 N N   . GLY B 1 27 ? 5.968   -9.062  29.426  1.00 37.69 ? 57  GLY B N   1 
ATOM   351 C CA  . GLY B 1 27 ? 5.123   -10.037 30.091  1.00 40.68 ? 57  GLY B CA  1 
ATOM   352 C C   . GLY B 1 27 ? 4.921   -9.686  31.555  1.00 42.20 ? 57  GLY B C   1 
ATOM   353 O O   . GLY B 1 27 ? 5.477   -8.699  32.033  1.00 41.04 ? 57  GLY B O   1 
ATOM   354 N N   . PRO B 1 28 ? 4.119   -10.464 32.296  1.00 44.65 ? 58  PRO B N   1 
ATOM   355 C CA  . PRO B 1 28 ? 3.922   -10.134 33.710  1.00 47.65 ? 58  PRO B CA  1 
ATOM   356 C C   . PRO B 1 28 ? 5.232   -10.344 34.472  1.00 50.32 ? 58  PRO B C   1 
ATOM   357 O O   . PRO B 1 28 ? 6.167   -10.949 33.950  1.00 50.19 ? 58  PRO B O   1 
ATOM   358 C CB  . PRO B 1 28 ? 2.833   -11.107 34.161  1.00 47.00 ? 58  PRO B CB  1 
ATOM   359 C CG  . PRO B 1 28 ? 2.928   -12.254 33.201  1.00 46.58 ? 58  PRO B CG  1 
ATOM   360 C CD  . PRO B 1 28 ? 3.367   -11.665 31.891  1.00 45.54 ? 58  PRO B CD  1 
HETATM 361 N N   . HYP B 1 29 ? 5.318   -9.848  35.717  1.00 53.39 ? 59  HYP B N   1 
HETATM 362 C CA  . HYP B 1 29 ? 4.315   -9.111  36.484  1.00 55.01 ? 59  HYP B CA  1 
HETATM 363 C C   . HYP B 1 29 ? 4.499   -7.600  36.368  1.00 56.07 ? 59  HYP B C   1 
HETATM 364 O O   . HYP B 1 29 ? 5.185   -7.116  35.470  1.00 56.38 ? 59  HYP B O   1 
HETATM 365 C CB  . HYP B 1 29 ? 4.546   -9.603  37.917  1.00 56.54 ? 59  HYP B CB  1 
HETATM 366 C CG  . HYP B 1 29 ? 5.884   -10.405 37.867  1.00 55.92 ? 59  HYP B CG  1 
HETATM 367 C CD  . HYP B 1 29 ? 6.506   -10.081 36.546  1.00 55.22 ? 59  HYP B CD  1 
HETATM 368 O OD1 . HYP B 1 29 ? 5.597   -11.804 37.913  1.00 58.34 ? 59  HYP B OD1 1 
ATOM   369 N N   . GLY B 1 30 ? 3.887   -6.863  37.290  1.00 56.86 ? 60  GLY B N   1 
ATOM   370 C CA  . GLY B 1 30 ? 3.997   -5.416  37.274  1.00 58.19 ? 60  GLY B CA  1 
ATOM   371 C C   . GLY B 1 30 ? 5.405   -4.932  37.567  1.00 58.31 ? 60  GLY B C   1 
ATOM   372 O O   . GLY B 1 30 ? 5.921   -5.229  38.664  1.00 58.29 ? 60  GLY B O   1 
ATOM   373 O OXT . GLY B 1 30 ? 5.995   -4.251  36.701  1.00 58.82 ? 60  GLY B OXT 1 
ATOM   374 N N   . PRO C 1 1  ? -6.048  13.683  -37.687 1.00 60.93 ? 61  PRO C N   1 
ATOM   375 C CA  . PRO C 1 1  ? -5.003  12.920  -36.967 1.00 61.00 ? 61  PRO C CA  1 
ATOM   376 C C   . PRO C 1 1  ? -5.554  12.388  -35.646 1.00 60.57 ? 61  PRO C C   1 
ATOM   377 O O   . PRO C 1 1  ? -6.561  12.885  -35.137 1.00 60.97 ? 61  PRO C O   1 
ATOM   378 C CB  . PRO C 1 1  ? -3.833  13.856  -36.705 1.00 60.54 ? 61  PRO C CB  1 
ATOM   379 C CG  . PRO C 1 1  ? -4.465  15.232  -36.834 1.00 60.80 ? 61  PRO C CG  1 
ATOM   380 C CD  . PRO C 1 1  ? -5.766  15.129  -37.652 1.00 60.89 ? 61  PRO C CD  1 
HETATM 381 N N   . HYP C 1 2  ? -4.907  11.357  -35.078 1.00 59.44 ? 62  HYP C N   1 
HETATM 382 C CA  . HYP C 1 2  ? -5.376  10.795  -33.805 1.00 57.55 ? 62  HYP C CA  1 
HETATM 383 C C   . HYP C 1 2  ? -5.351  11.828  -32.676 1.00 54.87 ? 62  HYP C C   1 
HETATM 384 O O   . HYP C 1 2  ? -4.606  12.810  -32.735 1.00 54.23 ? 62  HYP C O   1 
HETATM 385 C CB  . HYP C 1 2  ? -4.413  9.634   -33.543 1.00 58.94 ? 62  HYP C CB  1 
HETATM 386 C CG  . HYP C 1 2  ? -3.794  9.331   -34.875 1.00 59.80 ? 62  HYP C CG  1 
HETATM 387 C CD  . HYP C 1 2  ? -3.723  10.647  -35.587 1.00 60.22 ? 62  HYP C CD  1 
HETATM 388 O OD1 . HYP C 1 2  ? -4.631  8.428   -35.610 1.00 60.21 ? 62  HYP C OD1 1 
ATOM   389 N N   . GLY C 1 3  ? -6.165  11.597  -31.651 1.00 51.64 ? 63  GLY C N   1 
ATOM   390 C CA  . GLY C 1 3  ? -6.218  12.517  -30.531 1.00 47.77 ? 63  GLY C CA  1 
ATOM   391 C C   . GLY C 1 3  ? -5.055  12.346  -29.571 1.00 44.62 ? 63  GLY C C   1 
ATOM   392 O O   . GLY C 1 3  ? -4.258  11.422  -29.723 1.00 43.75 ? 63  GLY C O   1 
ATOM   393 N N   . PRO C 1 4  ? -4.926  13.230  -28.570 1.00 42.37 ? 64  PRO C N   1 
ATOM   394 C CA  . PRO C 1 4  ? -3.825  13.119  -27.608 1.00 41.59 ? 64  PRO C CA  1 
ATOM   395 C C   . PRO C 1 4  ? -3.999  11.898  -26.708 1.00 40.89 ? 64  PRO C C   1 
ATOM   396 O O   . PRO C 1 4  ? -5.076  11.296  -26.668 1.00 40.04 ? 64  PRO C O   1 
ATOM   397 C CB  . PRO C 1 4  ? -3.896  14.426  -26.822 1.00 41.80 ? 64  PRO C CB  1 
ATOM   398 C CG  . PRO C 1 4  ? -5.324  14.849  -26.927 1.00 41.29 ? 64  PRO C CG  1 
ATOM   399 C CD  . PRO C 1 4  ? -5.806  14.375  -28.278 1.00 41.86 ? 64  PRO C CD  1 
HETATM 400 N N   . HYP C 1 5  ? -2.938  11.509  -25.985 1.00 39.48 ? 65  HYP C N   1 
HETATM 401 C CA  . HYP C 1 5  ? -3.057  10.345  -25.105 1.00 38.68 ? 65  HYP C CA  1 
HETATM 402 C C   . HYP C 1 5  ? -4.032  10.622  -23.970 1.00 36.95 ? 65  HYP C C   1 
HETATM 403 O O   . HYP C 1 5  ? -4.227  11.774  -23.577 1.00 36.40 ? 65  HYP C O   1 
HETATM 404 C CB  . HYP C 1 5  ? -1.634  10.133  -24.577 1.00 38.51 ? 65  HYP C CB  1 
HETATM 405 C CG  . HYP C 1 5  ? -0.755  10.926  -25.490 1.00 39.82 ? 65  HYP C CG  1 
HETATM 406 C CD  . HYP C 1 5  ? -1.588  12.091  -25.933 1.00 39.72 ? 65  HYP C CD  1 
HETATM 407 O OD1 . HYP C 1 5  ? -0.403  10.125  -26.622 1.00 40.35 ? 65  HYP C OD1 1 
ATOM   408 N N   . GLY C 1 6  ? -4.642  9.561   -23.453 1.00 35.16 ? 66  GLY C N   1 
ATOM   409 C CA  . GLY C 1 6  ? -5.560  9.721   -22.350 1.00 32.95 ? 66  GLY C CA  1 
ATOM   410 C C   . GLY C 1 6  ? -4.758  10.109  -21.123 1.00 31.71 ? 66  GLY C C   1 
ATOM   411 O O   . GLY C 1 6  ? -3.523  10.083  -21.146 1.00 30.08 ? 66  GLY C O   1 
ATOM   412 N N   . PRO C 1 7  ? -5.431  10.465  -20.025 1.00 30.73 ? 67  PRO C N   1 
ATOM   413 C CA  . PRO C 1 7  ? -4.709  10.849  -18.811 1.00 29.99 ? 67  PRO C CA  1 
ATOM   414 C C   . PRO C 1 7  ? -4.138  9.620   -18.110 1.00 28.63 ? 67  PRO C C   1 
ATOM   415 O O   . PRO C 1 7  ? -4.593  8.498   -18.342 1.00 26.55 ? 67  PRO C O   1 
ATOM   416 C CB  . PRO C 1 7  ? -5.768  11.546  -17.948 1.00 29.79 ? 67  PRO C CB  1 
ATOM   417 C CG  . PRO C 1 7  ? -7.059  11.501  -18.741 1.00 31.79 ? 67  PRO C CG  1 
ATOM   418 C CD  . PRO C 1 7  ? -6.889  10.497  -19.839 1.00 30.39 ? 67  PRO C CD  1 
HETATM 419 N N   . HYP C 1 8  ? -3.129  9.819   -17.249 1.00 27.79 ? 68  HYP C N   1 
HETATM 420 C CA  . HYP C 1 8  ? -2.525  8.697   -16.529 1.00 27.08 ? 68  HYP C CA  1 
HETATM 421 C C   . HYP C 1 8  ? -3.563  8.004   -15.651 1.00 26.37 ? 68  HYP C C   1 
HETATM 422 O O   . HYP C 1 8  ? -4.487  8.647   -15.136 1.00 24.84 ? 68  HYP C O   1 
HETATM 423 C CB  . HYP C 1 8  ? -1.413  9.354   -15.711 1.00 28.99 ? 68  HYP C CB  1 
HETATM 424 C CG  . HYP C 1 8  ? -1.122  10.646  -16.437 1.00 30.59 ? 68  HYP C CG  1 
HETATM 425 C CD  . HYP C 1 8  ? -2.477  11.093  -16.902 1.00 30.04 ? 68  HYP C CD  1 
HETATM 426 O OD1 . HYP C 1 8  ? -0.288  10.394  -17.579 1.00 33.03 ? 68  HYP C OD1 1 
ATOM   427 N N   . GLY C 1 9  ? -3.426  6.692   -15.500 1.00 24.45 ? 69  GLY C N   1 
ATOM   428 C CA  . GLY C 1 9  ? -4.363  5.958   -14.680 1.00 24.74 ? 69  GLY C CA  1 
ATOM   429 C C   . GLY C 1 9  ? -4.211  6.424   -13.256 1.00 24.05 ? 69  GLY C C   1 
ATOM   430 O O   . GLY C 1 9  ? -3.171  6.973   -12.907 1.00 25.41 ? 69  GLY C O   1 
ATOM   431 N N   . ILE C 1 10 ? -5.236  6.213   -12.437 1.00 23.97 ? 70  ILE C N   1 
ATOM   432 C CA  . ILE C 1 10 ? -5.185  6.624   -11.045 1.00 24.18 ? 70  ILE C CA  1 
ATOM   433 C C   . ILE C 1 10 ? -4.177  5.757   -10.295 1.00 23.82 ? 70  ILE C C   1 
ATOM   434 O O   . ILE C 1 10 ? -3.878  4.636   -10.706 1.00 25.04 ? 70  ILE C O   1 
ATOM   435 C CB  . ILE C 1 10 ? -6.572  6.494   -10.362 1.00 25.75 ? 70  ILE C CB  1 
ATOM   436 C CG1 . ILE C 1 10 ? -7.034  5.030   -10.391 1.00 26.56 ? 70  ILE C CG1 1 
ATOM   437 C CG2 . ILE C 1 10 ? -7.585  7.421   -11.052 1.00 23.09 ? 70  ILE C CG2 1 
ATOM   438 C CD1 . ILE C 1 10 ? -8.526  4.829   -10.104 1.00 24.79 ? 70  ILE C CD1 1 
ATOM   439 N N   . THR C 1 11 ? -3.642  6.290   -9.201  1.00 23.27 ? 71  THR C N   1 
ATOM   440 C CA  . THR C 1 11 ? -2.676  5.552   -8.396  1.00 22.37 ? 71  THR C CA  1 
ATOM   441 C C   . THR C 1 11 ? -3.394  4.388   -7.720  1.00 22.42 ? 71  THR C C   1 
ATOM   442 O O   . THR C 1 11 ? -4.571  4.497   -7.357  1.00 21.10 ? 71  THR C O   1 
ATOM   443 C CB  . THR C 1 11 ? -2.035  6.457   -7.330  1.00 24.22 ? 71  THR C CB  1 
ATOM   444 O OG1 . THR C 1 11 ? -3.000  6.757   -6.314  1.00 26.81 ? 71  THR C OG1 1 
ATOM   445 C CG2 . THR C 1 11 ? -1.543  7.760   -7.962  1.00 23.92 ? 71  THR C CG2 1 
ATOM   446 N N   . GLY C 1 12 ? -2.687  3.271   -7.573  1.00 21.44 ? 72  GLY C N   1 
ATOM   447 C CA  . GLY C 1 12 ? -3.277  2.095   -6.965  1.00 21.10 ? 72  GLY C CA  1 
ATOM   448 C C   . GLY C 1 12 ? -3.645  2.239   -5.503  1.00 21.49 ? 72  GLY C C   1 
ATOM   449 O O   . GLY C 1 12 ? -3.247  3.197   -4.844  1.00 23.81 ? 72  GLY C O   1 
ATOM   450 N N   . ALA C 1 13 ? -4.412  1.279   -4.999  1.00 19.14 ? 73  ALA C N   1 
ATOM   451 C CA  . ALA C 1 13 ? -4.833  1.279   -3.613  1.00 19.51 ? 73  ALA C CA  1 
ATOM   452 C C   . ALA C 1 13 ? -3.609  1.125   -2.704  1.00 20.08 ? 73  ALA C C   1 
ATOM   453 O O   . ALA C 1 13 ? -2.528  0.725   -3.156  1.00 21.07 ? 73  ALA C O   1 
ATOM   454 C CB  . ALA C 1 13 ? -5.800  0.141   -3.372  1.00 16.07 ? 73  ALA C CB  1 
ATOM   455 N N   . ARG C 1 14 ? -3.782  1.448   -1.428  1.00 20.66 ? 74  ARG C N   1 
ATOM   456 C CA  . ARG C 1 14 ? -2.695  1.327   -0.464  1.00 20.84 ? 74  ARG C CA  1 
ATOM   457 C C   . ARG C 1 14 ? -2.512  -0.128  -0.050  1.00 20.81 ? 74  ARG C C   1 
ATOM   458 O O   . ARG C 1 14 ? -3.485  -0.891  0.036   1.00 21.05 ? 74  ARG C O   1 
ATOM   459 C CB  . ARG C 1 14 ? -2.981  2.168   0.779   1.00 20.94 ? 74  ARG C CB  1 
ATOM   460 C CG  . ARG C 1 14 ? -1.989  1.912   1.915   1.00 23.91 ? 74  ARG C CG  1 
ATOM   461 C CD  . ARG C 1 14 ? -1.890  3.090   2.860   1.00 25.23 ? 74  ARG C CD  1 
ATOM   462 N NE  . ARG C 1 14 ? -0.661  3.039   3.646   1.00 24.51 ? 74  ARG C NE  1 
ATOM   463 C CZ  . ARG C 1 14 ? -0.489  3.677   4.794   1.00 26.00 ? 74  ARG C CZ  1 
ATOM   464 N NH1 . ARG C 1 14 ? -1.471  4.420   5.289   1.00 26.90 ? 74  ARG C NH1 1 
ATOM   465 N NH2 . ARG C 1 14 ? 0.668   3.576   5.443   1.00 24.08 ? 74  ARG C NH2 1 
ATOM   466 N N   . GLY C 1 15 ? -1.266  -0.506  0.214   1.00 18.80 ? 75  GLY C N   1 
ATOM   467 C CA  . GLY C 1 15 ? -0.982  -1.864  0.632   1.00 20.11 ? 75  GLY C CA  1 
ATOM   468 C C   . GLY C 1 15 ? -1.735  -2.206  1.899   1.00 21.81 ? 75  GLY C C   1 
ATOM   469 O O   . GLY C 1 15 ? -2.195  -1.318  2.608   1.00 20.88 ? 75  GLY C O   1 
ATOM   470 N N   . LEU C 1 16 ? -1.896  -3.494  2.176   1.00 22.29 ? 76  LEU C N   1 
ATOM   471 C CA  . LEU C 1 16 ? -2.576  -3.910  3.391   1.00 24.48 ? 76  LEU C CA  1 
ATOM   472 C C   . LEU C 1 16 ? -1.602  -3.721  4.547   1.00 25.10 ? 76  LEU C C   1 
ATOM   473 O O   . LEU C 1 16 ? -0.415  -3.470  4.332   1.00 25.74 ? 76  LEU C O   1 
ATOM   474 C CB  . LEU C 1 16 ? -2.985  -5.383  3.306   1.00 25.39 ? 76  LEU C CB  1 
ATOM   475 C CG  . LEU C 1 16 ? -3.971  -5.751  2.200   1.00 26.17 ? 76  LEU C CG  1 
ATOM   476 C CD1 . LEU C 1 16 ? -4.299  -7.224  2.292   1.00 28.37 ? 76  LEU C CD1 1 
ATOM   477 C CD2 . LEU C 1 16 ? -5.238  -4.914  2.330   1.00 27.51 ? 76  LEU C CD2 1 
ATOM   478 N N   . ALA C 1 17 ? -2.102  -3.839  5.769   1.00 26.53 ? 77  ALA C N   1 
ATOM   479 C CA  . ALA C 1 17 ? -1.263  -3.697  6.956   1.00 27.38 ? 77  ALA C CA  1 
ATOM   480 C C   . ALA C 1 17 ? -0.284  -4.864  7.042   1.00 27.00 ? 77  ALA C C   1 
ATOM   481 O O   . ALA C 1 17 ? -0.558  -5.954  6.552   1.00 25.38 ? 77  ALA C O   1 
ATOM   482 C CB  . ALA C 1 17 ? -2.130  -3.642  8.211   1.00 27.95 ? 77  ALA C CB  1 
ATOM   483 N N   . GLY C 1 18 ? 0.864   -4.629  7.665   1.00 27.21 ? 78  GLY C N   1 
ATOM   484 C CA  . GLY C 1 18 ? 1.853   -5.679  7.797   1.00 25.57 ? 78  GLY C CA  1 
ATOM   485 C C   . GLY C 1 18 ? 1.480   -6.681  8.870   1.00 25.80 ? 78  GLY C C   1 
ATOM   486 O O   . GLY C 1 18 ? 0.446   -6.538  9.522   1.00 24.54 ? 78  GLY C O   1 
ATOM   487 N N   . PRO C 1 19 ? 2.301   -7.720  9.072   1.00 27.42 ? 79  PRO C N   1 
ATOM   488 C CA  . PRO C 1 19 ? 2.022   -8.738  10.092  1.00 27.71 ? 79  PRO C CA  1 
ATOM   489 C C   . PRO C 1 19 ? 2.130   -8.190  11.510  1.00 29.05 ? 79  PRO C C   1 
ATOM   490 O O   . PRO C 1 19 ? 2.758   -7.160  11.745  1.00 27.83 ? 79  PRO C O   1 
ATOM   491 C CB  . PRO C 1 19 ? 3.071   -9.820  9.827   1.00 26.60 ? 79  PRO C CB  1 
ATOM   492 C CG  . PRO C 1 19 ? 3.678   -9.481  8.498   1.00 26.25 ? 79  PRO C CG  1 
ATOM   493 C CD  . PRO C 1 19 ? 3.531   -8.015  8.322   1.00 26.69 ? 79  PRO C CD  1 
HETATM 494 N N   . HYP C 1 20 ? 1.480   -8.858  12.472  1.00 32.05 ? 80  HYP C N   1 
HETATM 495 C CA  . HYP C 1 20 ? 1.548   -8.390  13.859  1.00 32.85 ? 80  HYP C CA  1 
HETATM 496 C C   . HYP C 1 20 ? 2.990   -8.412  14.358  1.00 34.07 ? 80  HYP C C   1 
HETATM 497 O O   . HYP C 1 20 ? 3.795   -9.240  13.922  1.00 33.65 ? 80  HYP C O   1 
HETATM 498 C CB  . HYP C 1 20 ? 0.658   -9.373  14.614  1.00 34.17 ? 80  HYP C CB  1 
HETATM 499 C CG  . HYP C 1 20 ? -0.228  -9.969  13.554  1.00 33.98 ? 80  HYP C CG  1 
HETATM 500 C CD  . HYP C 1 20 ? 0.617   -10.042 12.331  1.00 33.49 ? 80  HYP C CD  1 
HETATM 501 O OD1 . HYP C 1 20 ? -1.338  -9.108  13.316  1.00 38.46 ? 80  HYP C OD1 1 
ATOM   502 N N   . GLY C 1 21 ? 3.318   -7.491  15.254  1.00 34.04 ? 81  GLY C N   1 
ATOM   503 C CA  . GLY C 1 21 ? 4.669   -7.444  15.781  1.00 36.51 ? 81  GLY C CA  1 
ATOM   504 C C   . GLY C 1 21 ? 5.035   -8.710  16.530  1.00 37.32 ? 81  GLY C C   1 
ATOM   505 O O   . GLY C 1 21 ? 4.170   -9.543  16.799  1.00 37.99 ? 81  GLY C O   1 
ATOM   506 N N   . PRO C 1 22 ? 6.317   -8.892  16.881  1.00 37.89 ? 82  PRO C N   1 
ATOM   507 C CA  . PRO C 1 22 ? 6.742   -10.090 17.610  1.00 38.50 ? 82  PRO C CA  1 
ATOM   508 C C   . PRO C 1 22 ? 6.383   -9.994  19.097  1.00 38.15 ? 82  PRO C C   1 
ATOM   509 O O   . PRO C 1 22 ? 5.892   -8.966  19.557  1.00 37.99 ? 82  PRO C O   1 
ATOM   510 C CB  . PRO C 1 22 ? 8.249   -10.123 17.388  1.00 39.29 ? 82  PRO C CB  1 
ATOM   511 C CG  . PRO C 1 22 ? 8.630   -8.686  17.189  1.00 39.91 ? 82  PRO C CG  1 
ATOM   512 C CD  . PRO C 1 22 ? 7.436   -7.973  16.614  1.00 38.30 ? 82  PRO C CD  1 
HETATM 513 N N   . HYP C 1 23 ? 6.600   -11.073 19.861  1.00 38.84 ? 83  HYP C N   1 
HETATM 514 C CA  . HYP C 1 23 ? 6.285   -11.051 21.295  1.00 38.56 ? 83  HYP C CA  1 
HETATM 515 C C   . HYP C 1 23 ? 7.172   -10.072 22.069  1.00 39.05 ? 83  HYP C C   1 
HETATM 516 O O   . HYP C 1 23 ? 8.341   -9.881  21.728  1.00 38.33 ? 83  HYP C O   1 
HETATM 517 C CB  . HYP C 1 23 ? 6.518   -12.498 21.734  1.00 39.04 ? 83  HYP C CB  1 
HETATM 518 C CG  . HYP C 1 23 ? 6.495   -13.294 20.467  1.00 39.63 ? 83  HYP C CG  1 
HETATM 519 C CD  . HYP C 1 23 ? 7.104   -12.391 19.445  1.00 39.63 ? 83  HYP C CD  1 
HETATM 520 O OD1 . HYP C 1 23 ? 5.147   -13.577 20.104  1.00 40.86 ? 83  HYP C OD1 1 
ATOM   521 N N   . GLY C 1 24 ? 6.609   -9.461  23.108  1.00 38.63 ? 84  GLY C N   1 
ATOM   522 C CA  . GLY C 1 24 ? 7.358   -8.511  23.913  1.00 38.82 ? 84  GLY C CA  1 
ATOM   523 C C   . GLY C 1 24 ? 8.448   -9.166  24.739  1.00 38.47 ? 84  GLY C C   1 
ATOM   524 O O   . GLY C 1 24 ? 8.569   -10.390 24.740  1.00 38.21 ? 84  GLY C O   1 
ATOM   525 N N   . PRO C 1 25 ? 9.258   -8.377  25.463  1.00 38.32 ? 85  PRO C N   1 
ATOM   526 C CA  . PRO C 1 25 ? 10.335  -8.939  26.287  1.00 39.41 ? 85  PRO C CA  1 
ATOM   527 C C   . PRO C 1 25 ? 9.807   -9.543  27.589  1.00 39.86 ? 85  PRO C C   1 
ATOM   528 O O   . PRO C 1 25 ? 8.657   -9.324  27.961  1.00 41.20 ? 85  PRO C O   1 
ATOM   529 C CB  . PRO C 1 25 ? 11.243  -7.742  26.538  1.00 37.95 ? 85  PRO C CB  1 
ATOM   530 C CG  . PRO C 1 25 ? 10.297  -6.584  26.564  1.00 38.26 ? 85  PRO C CG  1 
ATOM   531 C CD  . PRO C 1 25 ? 9.201   -6.908  25.567  1.00 37.98 ? 85  PRO C CD  1 
HETATM 532 N N   . HYP C 1 26 ? 10.641  -10.326 28.290  1.00 41.44 ? 86  HYP C N   1 
HETATM 533 C CA  . HYP C 1 26 ? 10.211  -10.941 29.552  1.00 41.01 ? 86  HYP C CA  1 
HETATM 534 C C   . HYP C 1 26 ? 9.786   -9.899  30.580  1.00 41.04 ? 86  HYP C C   1 
HETATM 535 O O   . HYP C 1 26 ? 10.270  -8.769  30.562  1.00 40.98 ? 86  HYP C O   1 
HETATM 536 C CB  . HYP C 1 26 ? 11.443  -11.720 30.016  1.00 40.16 ? 86  HYP C CB  1 
HETATM 537 C CG  . HYP C 1 26 ? 12.247  -11.939 28.781  1.00 40.36 ? 86  HYP C CG  1 
HETATM 538 C CD  . HYP C 1 26 ? 12.019  -10.710 27.938  1.00 40.96 ? 86  HYP C CD  1 
HETATM 539 O OD1 . HYP C 1 26 ? 11.769  -13.102 28.093  1.00 40.57 ? 86  HYP C OD1 1 
ATOM   540 N N   . GLY C 1 27 ? 8.880   -10.282 31.475  1.00 42.11 ? 87  GLY C N   1 
ATOM   541 C CA  . GLY C 1 27 ? 8.422   -9.358  32.496  1.00 42.31 ? 87  GLY C CA  1 
ATOM   542 C C   . GLY C 1 27 ? 9.510   -9.035  33.508  1.00 43.17 ? 87  GLY C C   1 
ATOM   543 O O   . GLY C 1 27 ? 10.550  -9.694  33.527  1.00 42.19 ? 87  GLY C O   1 
ATOM   544 N N   . PRO C 1 28 ? 9.304   -8.017  34.361  1.00 43.57 ? 88  PRO C N   1 
ATOM   545 C CA  . PRO C 1 28 ? 10.304  -7.640  35.371  1.00 45.51 ? 88  PRO C CA  1 
ATOM   546 C C   . PRO C 1 28 ? 10.520  -8.734  36.417  1.00 47.20 ? 88  PRO C C   1 
ATOM   547 O O   . PRO C 1 28 ? 9.579   -9.438  36.785  1.00 47.87 ? 88  PRO C O   1 
ATOM   548 C CB  . PRO C 1 28 ? 9.738   -6.355  35.985  1.00 44.82 ? 88  PRO C CB  1 
ATOM   549 C CG  . PRO C 1 28 ? 8.273   -6.409  35.707  1.00 44.51 ? 88  PRO C CG  1 
ATOM   550 C CD  . PRO C 1 28 ? 8.111   -7.154  34.408  1.00 44.13 ? 88  PRO C CD  1 
HETATM 551 N N   . HYP C 1 29 ? 11.766  -8.884  36.911  1.00 47.91 ? 89  HYP C N   1 
HETATM 552 C CA  . HYP C 1 29 ? 12.110  -9.897  37.919  1.00 48.66 ? 89  HYP C CA  1 
HETATM 553 C C   . HYP C 1 29 ? 11.287  -9.781  39.197  1.00 50.06 ? 89  HYP C C   1 
HETATM 554 O O   . HYP C 1 29 ? 11.159  -8.694  39.767  1.00 49.78 ? 89  HYP C O   1 
HETATM 555 C CB  . HYP C 1 29 ? 13.595  -9.654  38.192  1.00 49.47 ? 89  HYP C CB  1 
HETATM 556 C CG  . HYP C 1 29 ? 14.094  -8.916  37.003  1.00 48.65 ? 89  HYP C CG  1 
HETATM 557 C CD  . HYP C 1 29 ? 12.938  -8.080  36.527  1.00 48.12 ? 89  HYP C CD  1 
HETATM 558 O OD1 . HYP C 1 29 ? 14.475  -9.844  35.983  1.00 48.62 ? 89  HYP C OD1 1 
ATOM   559 N N   . GLY C 1 30 ? 10.740  -10.909 39.646  1.00 50.78 ? 90  GLY C N   1 
ATOM   560 C CA  . GLY C 1 30 ? 9.941   -10.914 40.858  1.00 51.59 ? 90  GLY C CA  1 
ATOM   561 C C   . GLY C 1 30 ? 10.779  -10.734 42.110  1.00 52.27 ? 90  GLY C C   1 
ATOM   562 O O   . GLY C 1 30 ? 11.974  -11.106 42.092  1.00 52.78 ? 90  GLY C O   1 
ATOM   563 O OXT . GLY C 1 30 ? 10.244  -10.220 43.116  1.00 52.57 ? 90  GLY C OXT 1 
HETATM 564 C C   . ACY D 2 .  ? -5.188  -4.052  -7.813  0.25 33.42 ? 401 ACY B C   1 
HETATM 565 O OXT . ACY D 2 .  ? -5.228  -3.244  -6.805  0.50 33.35 ? 401 ACY B OXT 1 
HETATM 566 C CH3 . ACY D 2 .  ? -4.052  -5.011  -7.679  0.25 33.71 ? 401 ACY B CH3 1 
HETATM 567 C C   . ACY E 2 .  ? 8.944   -1.174  1.025   1.00 51.62 ? 403 ACY B C   1 
HETATM 568 O O   . ACY E 2 .  ? 8.674   -2.070  1.827   1.00 52.05 ? 403 ACY B O   1 
HETATM 569 O OXT . ACY E 2 .  ? 10.098  -1.123  0.416   1.00 51.53 ? 403 ACY B OXT 1 
HETATM 570 C CH3 . ACY E 2 .  ? 8.016   -0.047  0.639   1.00 50.10 ? 403 ACY B CH3 1 
HETATM 571 C C   . ACY F 2 .  ? 9.444   -3.447  14.523  1.00 50.07 ? 404 ACY B C   1 
HETATM 572 O O   . ACY F 2 .  ? 9.230   -2.233  14.629  1.00 49.31 ? 404 ACY B O   1 
HETATM 573 O OXT . ACY F 2 .  ? 10.259  -3.940  13.626  1.00 49.88 ? 404 ACY B OXT 1 
HETATM 574 C CH3 . ACY F 2 .  ? 8.824   -4.510  15.378  1.00 49.01 ? 404 ACY B CH3 1 
HETATM 575 C C   . ACY G 2 .  ? -4.383  -4.735  -7.734  0.25 36.05 ? 405 ACY B C   1 
HETATM 576 O OXT . ACY G 2 .  ? -3.278  -4.199  -8.139  0.50 36.89 ? 405 ACY B OXT 1 
HETATM 577 C CH3 . ACY G 2 .  ? -5.511  -3.764  -7.840  0.25 38.07 ? 405 ACY B CH3 1 
HETATM 578 C C   . ACY H 2 .  ? -4.185  9.834   -7.990  1.00 34.55 ? 402 ACY C C   1 
HETATM 579 O O   . ACY H 2 .  ? -4.619  9.488   -6.892  1.00 34.17 ? 402 ACY C O   1 
HETATM 580 O OXT . ACY H 2 .  ? -4.623  9.310   -9.097  1.00 34.71 ? 402 ACY C OXT 1 
HETATM 581 C CH3 . ACY H 2 .  ? -3.125  10.866  -8.213  1.00 35.01 ? 402 ACY C CH3 1 
HETATM 582 O O   . HOH I 3 .  ? 7.035   0.383   11.019  1.00 23.09 ? 113 HOH A O   1 
HETATM 583 O O   . HOH I 3 .  ? 5.379   4.159   11.103  1.00 36.83 ? 114 HOH A O   1 
HETATM 584 O O   . HOH I 3 .  ? 3.084   -7.695  -2.962  1.00 29.58 ? 123 HOH A O   1 
HETATM 585 O O   . HOH I 3 .  ? 1.356   0.544   -10.911 1.00 29.53 ? 126 HOH A O   1 
HETATM 586 O O   . HOH I 3 .  ? 4.809   -7.132  -4.898  1.00 23.37 ? 129 HOH A O   1 
HETATM 587 O O   . HOH I 3 .  ? 5.396   2.793   8.283   0.50 32.43 ? 134 HOH A O   1 
HETATM 588 O O   . HOH I 3 .  ? -0.342  -7.302  28.269  1.00 41.58 ? 136 HOH A O   1 
HETATM 589 O O   . HOH I 3 .  ? -0.631  -10.483 17.815  1.00 35.47 ? 140 HOH A O   1 
HETATM 590 O O   . HOH I 3 .  ? 4.740   3.382   -9.278  1.00 27.62 ? 142 HOH A O   1 
HETATM 591 O O   . HOH I 3 .  ? 5.178   4.793   -6.543  1.00 38.27 ? 143 HOH A O   1 
HETATM 592 O O   . HOH I 3 .  ? 1.674   2.933   -19.671 1.00 42.71 ? 144 HOH A O   1 
HETATM 593 O O   . HOH I 3 .  ? 1.658   6.860   -14.042 1.00 34.35 ? 147 HOH A O   1 
HETATM 594 O O   . HOH I 3 .  ? -0.487  7.541   -11.020 1.00 37.09 ? 150 HOH A O   1 
HETATM 595 O O   . HOH I 3 .  ? 9.179   -1.047  10.846  1.00 42.47 ? 157 HOH A O   1 
HETATM 596 O O   . HOH I 3 .  ? 1.656   -15.055 30.440  1.00 58.01 ? 160 HOH A O   1 
HETATM 597 O O   . HOH I 3 .  ? 1.365   -15.387 34.611  1.00 39.22 ? 162 HOH A O   1 
HETATM 598 O O   . HOH I 3 .  ? 5.098   3.745   -0.585  1.00 30.91 ? 163 HOH A O   1 
HETATM 599 O O   . HOH I 3 .  ? 7.044   4.401   1.888   1.00 42.09 ? 164 HOH A O   1 
HETATM 600 O O   . HOH I 3 .  ? -4.208  -4.350  10.943  1.00 35.70 ? 168 HOH A O   1 
HETATM 601 O O   . HOH I 3 .  ? 3.907   0.303   -11.220 1.00 36.30 ? 171 HOH A O   1 
HETATM 602 O O   . HOH I 3 .  ? -15.058 10.180  -27.834 1.00 51.90 ? 175 HOH A O   1 
HETATM 603 O O   . HOH I 3 .  ? 4.338   3.386   -4.642  1.00 36.58 ? 177 HOH A O   1 
HETATM 604 O O   . HOH I 3 .  ? 3.073   -0.686  20.766  1.00 30.35 ? 179 HOH A O   1 
HETATM 605 O O   . HOH I 3 .  ? 0.764   -12.064 36.450  1.00 41.25 ? 182 HOH A O   1 
HETATM 606 O O   . HOH I 3 .  ? 3.341   3.646   -15.849 1.00 37.86 ? 185 HOH A O   1 
HETATM 607 O O   . HOH I 3 .  ? 2.665   8.751   -7.166  1.00 40.61 ? 186 HOH A O   1 
HETATM 608 O O   . HOH I 3 .  ? 2.820   5.041   7.998   0.50 37.84 ? 189 HOH A O   1 
HETATM 609 O O   . HOH I 3 .  ? -1.536  -2.333  22.091  1.00 38.48 ? 191 HOH A O   1 
HETATM 610 O O   . HOH I 3 .  ? -9.561  4.683   -28.190 1.00 37.86 ? 196 HOH A O   1 
HETATM 611 O O   . HOH I 3 .  ? 3.515   4.164   3.639   1.00 44.58 ? 206 HOH A O   1 
HETATM 612 O O   . HOH I 3 .  ? 10.506  -1.618  8.878   0.50 46.07 ? 211 HOH A O   1 
HETATM 613 O O   . HOH J 3 .  ? 0.468   -5.958  -3.125  1.00 25.01 ? 101 HOH B O   1 
HETATM 614 O O   . HOH J 3 .  ? 3.351   -7.121  -0.286  1.00 26.68 ? 104 HOH B O   1 
HETATM 615 O O   . HOH J 3 .  ? 7.276   -8.207  6.542   1.00 32.25 ? 105 HOH B O   1 
HETATM 616 O O   . HOH J 3 .  ? -8.547  16.484  -29.186 1.00 45.40 ? 106 HOH B O   1 
HETATM 617 O O   . HOH J 3 .  ? 0.693   -5.278  -5.964  1.00 24.06 ? 108 HOH B O   1 
HETATM 618 O O   . HOH J 3 .  ? 6.358   -1.831  3.361   1.00 18.34 ? 111 HOH B O   1 
HETATM 619 O O   . HOH J 3 .  ? -8.217  -5.283  -8.947  1.00 27.83 ? 112 HOH B O   1 
HETATM 620 O O   . HOH J 3 .  ? 6.458   0.621   4.310   1.00 23.07 ? 116 HOH B O   1 
HETATM 621 O O   . HOH J 3 .  ? 6.028   -5.620  2.615   1.00 27.15 ? 118 HOH B O   1 
HETATM 622 O O   . HOH J 3 .  ? 6.706   -1.572  13.401  1.00 28.10 ? 119 HOH B O   1 
HETATM 623 O O   . HOH J 3 .  ? 3.965   -0.007  -2.424  1.00 21.91 ? 122 HOH B O   1 
HETATM 624 O O   . HOH J 3 .  ? -9.266  -1.296  -1.427  1.00 36.70 ? 124 HOH B O   1 
HETATM 625 O O   . HOH J 3 .  ? -5.030  -2.155  -10.453 1.00 21.63 ? 125 HOH B O   1 
HETATM 626 O O   . HOH J 3 .  ? -7.812  -1.350  -10.433 1.00 25.61 ? 127 HOH B O   1 
HETATM 627 O O   . HOH J 3 .  ? 3.364   -8.998  4.554   1.00 25.63 ? 130 HOH B O   1 
HETATM 628 O O   . HOH J 3 .  ? -5.009  -6.005  -4.527  1.00 25.73 ? 131 HOH B O   1 
HETATM 629 O O   . HOH J 3 .  ? -2.312  2.325   -18.977 1.00 39.31 ? 135 HOH B O   1 
HETATM 630 O O   . HOH J 3 .  ? -9.220  9.848   -15.945 1.00 26.44 ? 137 HOH B O   1 
HETATM 631 O O   . HOH J 3 .  ? -12.761 8.341   -18.946 1.00 31.49 ? 138 HOH B O   1 
HETATM 632 O O   . HOH J 3 .  ? 5.278   -7.135  5.046   1.00 30.34 ? 139 HOH B O   1 
HETATM 633 O O   . HOH J 3 .  ? 12.828  -5.214  28.934  1.00 31.35 ? 146 HOH B O   1 
HETATM 634 O O   . HOH J 3 .  ? -1.982  -2.041  -12.397 1.00 32.30 ? 152 HOH B O   1 
HETATM 635 O O   . HOH J 3 .  ? -9.556  -2.546  -8.939  1.00 30.42 ? 155 HOH B O   1 
HETATM 636 O O   . HOH J 3 .  ? -6.217  -6.670  -0.190  1.00 34.68 ? 158 HOH B O   1 
HETATM 637 O O   . HOH J 3 .  ? -0.854  -6.224  -7.979  1.00 35.64 ? 159 HOH B O   1 
HETATM 638 O O   . HOH J 3 .  ? 1.450   -9.224  0.826   1.00 51.04 ? 169 HOH B O   1 
HETATM 639 O O   . HOH J 3 .  ? -9.236  0.020   -3.860  1.00 33.83 ? 170 HOH B O   1 
HETATM 640 O O   . HOH J 3 .  ? -3.540  17.687  -29.195 1.00 50.77 ? 173 HOH B O   1 
HETATM 641 O O   . HOH J 3 .  ? -9.637  1.242   -8.654  1.00 40.60 ? 181 HOH B O   1 
HETATM 642 O O   . HOH J 3 .  ? -1.251  -7.641  -2.541  1.00 37.45 ? 183 HOH B O   1 
HETATM 643 O O   . HOH J 3 .  ? 7.404   -10.680 10.707  1.00 36.61 ? 187 HOH B O   1 
HETATM 644 O O   . HOH J 3 .  ? -1.211  0.736   -24.119 1.00 50.52 ? 188 HOH B O   1 
HETATM 645 O O   . HOH J 3 .  ? 7.654   -2.523  26.068  1.00 38.43 ? 190 HOH B O   1 
HETATM 646 O O   . HOH J 3 .  ? -9.978  1.445   -11.829 1.00 44.88 ? 197 HOH B O   1 
HETATM 647 O O   . HOH J 3 .  ? -3.481  0.562   -21.503 1.00 45.95 ? 198 HOH B O   1 
HETATM 648 O O   . HOH J 3 .  ? -8.265  0.828   -22.356 1.00 49.39 ? 199 HOH B O   1 
HETATM 649 O O   . HOH J 3 .  ? -10.143 10.015  -21.300 1.00 44.43 ? 200 HOH B O   1 
HETATM 650 O O   . HOH J 3 .  ? 7.046   -11.955 40.262  1.00 41.46 ? 203 HOH B O   1 
HETATM 651 O O   . HOH J 3 .  ? 10.124  -4.154  29.853  1.00 40.14 ? 204 HOH B O   1 
HETATM 652 O O   . HOH J 3 .  ? 6.883   -2.086  21.525  1.00 48.11 ? 207 HOH B O   1 
HETATM 653 O O   . HOH J 3 .  ? -9.035  2.026   -19.536 1.00 40.41 ? 209 HOH B O   1 
HETATM 654 O O   . HOH K 3 .  ? -2.281  -7.457  9.602   1.00 54.44 ? 102 HOH C O   1 
HETATM 655 O O   . HOH K 3 .  ? -4.324  -0.589  4.169   1.00 28.25 ? 103 HOH C O   1 
HETATM 656 O O   . HOH K 3 .  ? -1.029  9.465   -20.035 1.00 30.39 ? 107 HOH C O   1 
HETATM 657 O O   . HOH K 3 .  ? -2.178  4.543   -2.582  1.00 29.99 ? 109 HOH C O   1 
HETATM 658 O O   . HOH K 3 .  ? -0.417  -5.161  0.237   1.00 26.12 ? 110 HOH C O   1 
HETATM 659 O O   . HOH K 3 .  ? 12.529  -13.375 25.162  1.00 34.47 ? 115 HOH C O   1 
HETATM 660 O O   . HOH K 3 .  ? -3.285  5.426   -0.240  1.00 23.06 ? 117 HOH C O   1 
HETATM 661 O O   . HOH K 3 .  ? -2.524  -7.368  6.794   1.00 30.79 ? 120 HOH C O   1 
HETATM 662 O O   . HOH K 3 .  ? -6.267  2.543   -0.356  1.00 19.70 ? 121 HOH C O   1 
HETATM 663 O O   . HOH K 3 .  ? 0.827   10.157  -21.934 1.00 27.68 ? 128 HOH C O   1 
HETATM 664 O O   . HOH K 3 .  ? 0.805   -8.405  5.826   1.00 32.50 ? 132 HOH C O   1 
HETATM 665 O O   . HOH K 3 .  ? -3.597  5.628   4.157   1.00 26.69 ? 133 HOH C O   1 
HETATM 666 O O   . HOH K 3 .  ? -7.338  8.348   -14.651 1.00 30.43 ? 141 HOH C O   1 
HETATM 667 O O   . HOH K 3 .  ? -5.584  11.140  -10.824 1.00 33.14 ? 145 HOH C O   1 
HETATM 668 O O   . HOH K 3 .  ? -7.414  5.242   -13.895 1.00 39.08 ? 148 HOH C O   1 
HETATM 669 O O   . HOH K 3 .  ? 12.673  -8.893  23.432  1.00 51.67 ? 149 HOH C O   1 
HETATM 670 O O   . HOH K 3 .  ? -10.020 5.909   -13.557 1.00 29.78 ? 151 HOH C O   1 
HETATM 671 O O   . HOH K 3 .  ? -11.358 5.102   -15.713 1.00 45.20 ? 153 HOH C O   1 
HETATM 672 O O   . HOH K 3 .  ? -11.044 8.594   -13.796 1.00 29.65 ? 154 HOH C O   1 
HETATM 673 O O   . HOH K 3 .  ? -12.069 4.215   -11.926 1.00 31.52 ? 156 HOH C O   1 
HETATM 674 O O   . HOH K 3 .  ? 0.124   12.568  -12.905 1.00 47.77 ? 161 HOH C O   1 
HETATM 675 O O   . HOH K 3 .  ? -2.734  9.876   -38.834 1.00 38.02 ? 165 HOH C O   1 
HETATM 676 O O   . HOH K 3 .  ? 14.148  -14.147 31.243  1.00 44.49 ? 166 HOH C O   1 
HETATM 677 O O   . HOH K 3 .  ? 14.688  -11.932 33.799  1.00 58.92 ? 167 HOH C O   1 
HETATM 678 O O   . HOH K 3 .  ? -6.775  12.279  -14.778 1.00 43.32 ? 172 HOH C O   1 
HETATM 679 O O   . HOH K 3 .  ? -4.833  -6.124  6.429   1.00 40.61 ? 174 HOH C O   1 
HETATM 680 O O   . HOH K 3 .  ? -4.945  -2.629  6.032   1.00 39.00 ? 176 HOH C O   1 
HETATM 681 O O   . HOH K 3 .  ? -7.517  -3.368  4.843   1.00 44.10 ? 178 HOH C O   1 
HETATM 682 O O   . HOH K 3 .  ? 4.533   -15.694 22.492  1.00 48.91 ? 180 HOH C O   1 
HETATM 683 O O   . HOH K 3 .  ? 11.762  -9.175  45.083  1.00 34.85 ? 184 HOH C O   1 
HETATM 684 O O   . HOH K 3 .  ? 2.055   -13.586 8.935   1.00 54.00 ? 192 HOH C O   1 
HETATM 685 O O   . HOH K 3 .  ? -0.808  5.815   7.805   1.00 35.61 ? 193 HOH C O   1 
HETATM 686 O O   . HOH K 3 .  ? -4.759  10.629  -13.588 1.00 42.05 ? 194 HOH C O   1 
HETATM 687 O O   . HOH K 3 .  ? -4.979  11.121  -4.862  1.00 43.48 ? 195 HOH C O   1 
HETATM 688 O O   . HOH K 3 .  ? 0.679   4.301   9.252   1.00 62.87 ? 201 HOH C O   1 
HETATM 689 O O   . HOH K 3 .  ? 1.015   11.289  -28.646 1.00 52.69 ? 202 HOH C O   1 
HETATM 690 O O   . HOH K 3 .  ? 6.435   -10.009 13.656  1.00 43.44 ? 205 HOH C O   1 
HETATM 691 O O   . HOH K 3 .  ? 10.476  -7.808  22.080  1.00 42.68 ? 208 HOH C O   1 
HETATM 692 O O   . HOH K 3 .  ? -2.331  7.694   3.319   1.00 50.59 ? 210 HOH C O   1 
# 
